data_9BAW
#
_entry.id   9BAW
#
_cell.length_a   1.00
_cell.length_b   1.00
_cell.length_c   1.00
_cell.angle_alpha   90.00
_cell.angle_beta   90.00
_cell.angle_gamma   90.00
#
_symmetry.space_group_name_H-M   'P 1'
#
loop_
_entity.id
_entity.type
_entity.pdbx_description
1 polymer 'Importin subunit beta-1'
2 polymer 'GTP-binding nuclear protein Ran'
3 non-polymer "GUANOSINE-5'-TRIPHOSPHATE"
4 non-polymer 'MAGNESIUM ION'
#
loop_
_entity_poly.entity_id
_entity_poly.type
_entity_poly.pdbx_seq_one_letter_code
_entity_poly.pdbx_strand_id
1 'polypeptide(L)'
;MELITILEKTVSPDRLELEAAQKFLERAAVENLPTFLVELSRVLANPGNSQVARVAAGLQIKNSLTSKDPDIKAQYQQRW
LAIDANARREVKNYVLHTLGTETYRPSSASQCVAGIACAEIPVNQWPELIPQLVANVTNPNSTEHMKESTLEAIGYICQD
IDPEQLQDKSNEILTAIIQGMRKEEPSNNVKLAATNALLNSLEFTKANFDKESERHFIMQVVCEATQCPDTRVRVAALQN
LVKIMSLYYQYMETYMGPALFAITIEAMKSDIDEVALQGIEFWSNVCDEEMDLAIEASEAAEQGRPPEHTSKFYAKGALQ
YLVPILTQTLTKQDENDDDDDWNPCKAAGVCLMLLATCCEDDIVPHVLPFIKEHIKNPDWRYRDAAVMAFGCILEGPEPS
QLKPLVIQAMPTLIELMKDPSVVVRDTAAWTVGRICELLPEAAINDVYLAPLLQCLIEGLSAEPRVASNVCWAFSSLAEA
AYEAADVADDQEEPATYCLSSSFELIVQKLLETTDRPDGHQNNLRSSAYESLMEIVKNSAKDCYPAVQKTTLVIMERLQQ
VLQMESHIQSTSDRIQFNDLQSLLCATLQNVLRKVQHQDALQISDVVMASLLRMFQSTAGSGGVQEDALMAVSTLVEVLG
GEFLKYMEAFKPFLGIGLKNYAEYQVCLAAVGLVGDLCRALQSNIIPFCDEVMQLLLENLGNENVHRSVKPQILSVFGDI
ALAIGGEFKKYLEVVLNTLQQASQAQVDKSDYDMVDYLNELRESCLEAYTGIVQGLKGDQENVHPDVMLVQPRVEFILSF
IDHIAGDEDHTDGVVACAAGLIGDLCTAFGKDVLKLVEARPMIHELLTEGRRSKTNKAKTLARWATKELRKLKNQA
;
A
2 'polypeptide(L)'
;VQFKLVLVGDGGTGKTTFVKRHLTGEFEKKYVATLGVEVHPLVFHTNRGPIKFNVWDTAGQEKFGGLRDGYYIQAQCAII
MFDVTSRVTYKNVPNWHRDLVRVCENIPIVLCGNKVDIKDRKVKAKSIVFHRKKNLQYYDISAKSNYNFEKPFLWLARKL
IGDPNLEFAA
;
B
#
# COMPACT_ATOMS: atom_id res chain seq x y z
N MET A 1 -35.24 -12.20 24.37
CA MET A 1 -34.87 -12.53 25.74
C MET A 1 -34.04 -11.42 26.38
N GLU A 2 -33.22 -11.78 27.35
CA GLU A 2 -32.41 -10.79 28.06
C GLU A 2 -31.30 -10.26 27.15
N LEU A 3 -31.08 -8.95 27.22
CA LEU A 3 -30.06 -8.30 26.41
C LEU A 3 -28.66 -8.73 26.83
N ILE A 4 -28.46 -9.06 28.10
CA ILE A 4 -27.16 -9.48 28.61
C ILE A 4 -26.72 -10.79 27.96
N THR A 5 -27.69 -11.69 27.69
CA THR A 5 -27.38 -12.95 27.04
C THR A 5 -26.85 -12.73 25.62
N ILE A 6 -27.47 -11.82 24.88
CA ILE A 6 -27.01 -11.52 23.52
C ILE A 6 -25.66 -10.80 23.55
N LEU A 7 -25.49 -9.89 24.52
CA LEU A 7 -24.22 -9.18 24.66
C LEU A 7 -23.07 -10.13 24.97
N GLU A 8 -23.32 -11.15 25.79
CA GLU A 8 -22.30 -12.17 26.00
C GLU A 8 -22.19 -13.13 24.82
N LYS A 9 -23.25 -13.30 24.04
CA LYS A 9 -23.21 -14.11 22.83
C LYS A 9 -22.37 -13.45 21.74
N THR A 10 -22.19 -12.14 21.80
CA THR A 10 -21.46 -11.41 20.76
C THR A 10 -19.98 -11.74 20.68
N VAL A 11 -19.47 -12.55 21.59
CA VAL A 11 -18.05 -12.88 21.62
C VAL A 11 -17.76 -14.33 21.26
N SER A 12 -18.77 -15.20 21.20
CA SER A 12 -18.55 -16.60 20.91
C SER A 12 -18.13 -16.79 19.45
N PRO A 13 -17.19 -17.70 19.17
CA PRO A 13 -16.73 -17.93 17.79
C PRO A 13 -17.57 -18.96 17.04
N ASP A 14 -18.89 -18.78 17.06
CA ASP A 14 -19.82 -19.62 16.31
C ASP A 14 -20.56 -18.72 15.33
N ARG A 15 -20.62 -19.15 14.07
CA ARG A 15 -21.16 -18.30 13.01
C ARG A 15 -22.65 -18.07 13.18
N LEU A 16 -23.42 -19.14 13.40
CA LEU A 16 -24.86 -19.02 13.55
C LEU A 16 -25.23 -18.24 14.80
N GLU A 17 -24.52 -18.49 15.90
CA GLU A 17 -24.76 -17.78 17.16
C GLU A 17 -24.48 -16.29 17.02
N LEU A 18 -23.35 -15.94 16.39
CA LEU A 18 -23.01 -14.54 16.17
C LEU A 18 -24.01 -13.86 15.25
N GLU A 19 -24.44 -14.57 14.20
CA GLU A 19 -25.42 -13.99 13.28
C GLU A 19 -26.76 -13.76 13.97
N ALA A 20 -27.18 -14.70 14.83
CA ALA A 20 -28.42 -14.52 15.58
C ALA A 20 -28.33 -13.33 16.53
N ALA A 21 -27.20 -13.20 17.23
CA ALA A 21 -27.03 -12.06 18.13
C ALA A 21 -27.00 -10.74 17.37
N GLN A 22 -26.31 -10.71 16.23
CA GLN A 22 -26.24 -9.49 15.42
C GLN A 22 -27.62 -9.12 14.87
N LYS A 23 -28.39 -10.10 14.41
CA LYS A 23 -29.73 -9.82 13.91
C LYS A 23 -30.65 -9.33 15.03
N PHE A 24 -30.54 -9.91 16.23
CA PHE A 24 -31.35 -9.43 17.34
C PHE A 24 -30.98 -8.00 17.71
N LEU A 25 -29.69 -7.67 17.73
CA LEU A 25 -29.28 -6.30 18.04
C LEU A 25 -29.74 -5.33 16.96
N GLU A 26 -29.65 -5.73 15.69
CA GLU A 26 -30.09 -4.86 14.60
C GLU A 26 -31.59 -4.62 14.65
N ARG A 27 -32.37 -5.67 14.93
CA ARG A 27 -33.82 -5.53 15.04
C ARG A 27 -34.20 -4.66 16.23
N ALA A 28 -33.50 -4.82 17.35
CA ALA A 28 -33.78 -3.98 18.52
C ALA A 28 -33.42 -2.53 18.27
N ALA A 29 -32.34 -2.28 17.52
CA ALA A 29 -31.96 -0.92 17.20
C ALA A 29 -32.95 -0.27 16.24
N VAL A 30 -33.41 -1.03 15.24
CA VAL A 30 -34.36 -0.47 14.27
C VAL A 30 -35.72 -0.24 14.91
N GLU A 31 -36.16 -1.16 15.76
CA GLU A 31 -37.53 -1.15 16.26
C GLU A 31 -37.80 0.06 17.16
N ASN A 32 -36.95 0.29 18.16
CA ASN A 32 -37.15 1.40 19.09
C ASN A 32 -35.80 1.82 19.64
N LEU A 33 -35.26 2.91 19.09
CA LEU A 33 -33.95 3.40 19.52
C LEU A 33 -33.89 3.88 20.98
N PRO A 34 -34.80 4.71 21.51
CA PRO A 34 -34.56 5.26 22.86
C PRO A 34 -34.64 4.24 23.97
N THR A 35 -35.61 3.32 23.93
CA THR A 35 -35.69 2.28 24.96
C THR A 35 -34.48 1.36 24.90
N PHE A 36 -34.03 1.05 23.68
CA PHE A 36 -32.83 0.23 23.51
C PHE A 36 -31.60 0.91 24.09
N LEU A 37 -31.44 2.21 23.85
CA LEU A 37 -30.29 2.93 24.38
C LEU A 37 -30.37 3.08 25.90
N VAL A 38 -31.58 3.26 26.44
CA VAL A 38 -31.75 3.33 27.88
C VAL A 38 -31.40 1.99 28.53
N GLU A 39 -31.84 0.88 27.93
CA GLU A 39 -31.49 -0.43 28.46
C GLU A 39 -29.99 -0.68 28.37
N LEU A 40 -29.36 -0.27 27.28
CA LEU A 40 -27.91 -0.41 27.14
C LEU A 40 -27.17 0.40 28.20
N SER A 41 -27.61 1.64 28.44
CA SER A 41 -26.97 2.47 29.45
C SER A 41 -27.17 1.92 30.85
N ARG A 42 -28.33 1.33 31.13
CA ARG A 42 -28.55 0.72 32.43
C ARG A 42 -27.73 -0.56 32.59
N VAL A 43 -27.50 -1.29 31.49
CA VAL A 43 -26.64 -2.47 31.56
C VAL A 43 -25.19 -2.06 31.81
N LEU A 44 -24.72 -1.03 31.10
CA LEU A 44 -23.33 -0.59 31.23
C LEU A 44 -23.01 -0.07 32.62
N ALA A 45 -23.92 0.71 33.21
CA ALA A 45 -23.66 1.34 34.49
C ALA A 45 -23.71 0.36 35.66
N ASN A 46 -24.19 -0.85 35.46
CA ASN A 46 -24.26 -1.82 36.54
C ASN A 46 -22.87 -2.42 36.78
N PRO A 47 -22.32 -2.30 37.99
CA PRO A 47 -21.05 -2.97 38.27
C PRO A 47 -21.17 -4.48 38.38
N GLY A 48 -22.37 -5.00 38.65
CA GLY A 48 -22.55 -6.44 38.82
C GLY A 48 -22.53 -7.23 37.54
N ASN A 49 -22.66 -6.56 36.39
CA ASN A 49 -22.61 -7.26 35.11
C ASN A 49 -21.19 -7.73 34.82
N SER A 50 -21.09 -8.73 33.95
CA SER A 50 -19.80 -9.23 33.53
C SER A 50 -19.07 -8.20 32.68
N GLN A 51 -17.74 -8.33 32.65
CA GLN A 51 -16.91 -7.37 31.93
C GLN A 51 -17.18 -7.39 30.44
N VAL A 52 -17.37 -8.60 29.87
CA VAL A 52 -17.64 -8.73 28.44
C VAL A 52 -18.94 -8.05 28.08
N ALA A 53 -19.99 -8.24 28.89
CA ALA A 53 -21.28 -7.61 28.64
C ALA A 53 -21.20 -6.09 28.74
N ARG A 54 -20.46 -5.59 29.73
CA ARG A 54 -20.33 -4.14 29.89
C ARG A 54 -19.60 -3.50 28.72
N VAL A 55 -18.48 -4.10 28.29
CA VAL A 55 -17.74 -3.55 27.16
C VAL A 55 -18.54 -3.68 25.86
N ALA A 56 -19.29 -4.79 25.72
CA ALA A 56 -20.12 -4.97 24.54
C ALA A 56 -21.24 -3.93 24.49
N ALA A 57 -21.88 -3.64 25.63
CA ALA A 57 -22.91 -2.61 25.66
C ALA A 57 -22.32 -1.24 25.39
N GLY A 58 -21.13 -0.96 25.91
CA GLY A 58 -20.48 0.31 25.64
C GLY A 58 -20.15 0.49 24.17
N LEU A 59 -19.63 -0.55 23.54
CA LEU A 59 -19.33 -0.48 22.11
C LEU A 59 -20.61 -0.43 21.28
N GLN A 60 -21.69 -1.04 21.76
CA GLN A 60 -22.97 -0.94 21.05
C GLN A 60 -23.50 0.49 21.07
N ILE A 61 -23.42 1.14 22.24
CA ILE A 61 -23.82 2.54 22.33
C ILE A 61 -22.93 3.41 21.45
N LYS A 62 -21.62 3.13 21.45
CA LYS A 62 -20.68 3.92 20.66
C LYS A 62 -20.96 3.79 19.16
N ASN A 63 -21.08 2.56 18.65
CA ASN A 63 -21.28 2.38 17.23
C ASN A 63 -22.71 2.63 16.79
N SER A 64 -23.66 2.77 17.73
CA SER A 64 -24.95 3.34 17.40
C SER A 64 -24.96 4.85 17.54
N LEU A 65 -23.91 5.45 18.10
CA LEU A 65 -23.81 6.89 18.23
C LEU A 65 -22.77 7.52 17.30
N THR A 66 -21.90 6.72 16.68
CA THR A 66 -20.91 7.25 15.76
C THR A 66 -20.53 6.15 14.77
N SER A 67 -19.88 6.57 13.69
CA SER A 67 -19.45 5.65 12.64
C SER A 67 -18.26 6.27 11.92
N LYS A 68 -17.57 5.44 11.13
CA LYS A 68 -16.39 5.90 10.41
C LYS A 68 -16.75 6.84 9.27
N ASP A 69 -17.88 6.63 8.61
CA ASP A 69 -18.32 7.53 7.55
C ASP A 69 -18.85 8.82 8.15
N PRO A 70 -18.32 9.99 7.77
CA PRO A 70 -18.79 11.24 8.39
C PRO A 70 -20.25 11.56 8.13
N ASP A 71 -20.79 11.18 6.98
CA ASP A 71 -22.21 11.44 6.71
C ASP A 71 -23.09 10.58 7.60
N ILE A 72 -22.77 9.30 7.74
CA ILE A 72 -23.52 8.41 8.63
C ILE A 72 -23.30 8.84 10.08
N LYS A 73 -22.12 9.34 10.42
CA LYS A 73 -21.87 9.85 11.77
C LYS A 73 -22.76 11.05 12.08
N ALA A 74 -22.87 11.98 11.13
CA ALA A 74 -23.72 13.15 11.32
C ALA A 74 -25.20 12.73 11.38
N GLN A 75 -25.59 11.75 10.56
CA GLN A 75 -26.97 11.25 10.61
C GLN A 75 -27.29 10.62 11.95
N TYR A 76 -26.35 9.83 12.49
CA TYR A 76 -26.56 9.22 13.80
C TYR A 76 -26.59 10.27 14.91
N GLN A 77 -25.75 11.31 14.80
CA GLN A 77 -25.77 12.39 15.77
C GLN A 77 -27.11 13.13 15.76
N GLN A 78 -27.64 13.40 14.56
CA GLN A 78 -28.94 14.05 14.48
C GLN A 78 -30.06 13.13 14.96
N ARG A 79 -29.93 11.83 14.73
CA ARG A 79 -30.91 10.87 15.25
C ARG A 79 -30.90 10.85 16.77
N TRP A 80 -29.71 10.92 17.37
CA TRP A 80 -29.60 11.02 18.82
C TRP A 80 -30.18 12.33 19.33
N LEU A 81 -29.98 13.43 18.58
CA LEU A 81 -30.56 14.71 18.98
C LEU A 81 -32.08 14.70 18.86
N ALA A 82 -32.63 13.86 17.98
CA ALA A 82 -34.08 13.76 17.83
C ALA A 82 -34.73 13.03 19.00
N ILE A 83 -33.96 12.33 19.83
CA ILE A 83 -34.52 11.62 20.98
C ILE A 83 -35.00 12.62 22.03
N ASP A 84 -36.04 12.23 22.78
CA ASP A 84 -36.57 13.07 23.85
C ASP A 84 -35.52 13.30 24.93
N ALA A 85 -35.55 14.49 25.52
CA ALA A 85 -34.50 14.93 26.44
C ALA A 85 -34.47 14.13 27.74
N ASN A 86 -35.58 13.53 28.15
CA ASN A 86 -35.59 12.77 29.40
C ASN A 86 -34.80 11.48 29.27
N ALA A 87 -35.00 10.74 28.18
CA ALA A 87 -34.24 9.51 27.94
C ALA A 87 -32.76 9.80 27.75
N ARG A 88 -32.44 10.88 27.02
CA ARG A 88 -31.04 11.28 26.85
C ARG A 88 -30.43 11.67 28.19
N ARG A 89 -31.19 12.35 29.05
CA ARG A 89 -30.68 12.73 30.36
C ARG A 89 -30.41 11.50 31.22
N GLU A 90 -31.31 10.52 31.18
CA GLU A 90 -31.09 9.27 31.91
C GLU A 90 -29.86 8.53 31.40
N VAL A 91 -29.70 8.47 30.07
CA VAL A 91 -28.54 7.79 29.48
C VAL A 91 -27.25 8.49 29.88
N LYS A 92 -27.24 9.84 29.83
CA LYS A 92 -26.06 10.59 30.21
C LYS A 92 -25.73 10.41 31.69
N ASN A 93 -26.76 10.37 32.54
CA ASN A 93 -26.53 10.15 33.97
C ASN A 93 -25.94 8.78 34.25
N TYR A 94 -26.48 7.74 33.61
CA TYR A 94 -25.96 6.39 33.79
C TYR A 94 -24.54 6.26 33.26
N VAL A 95 -24.26 6.86 32.10
CA VAL A 95 -22.94 6.78 31.50
C VAL A 95 -21.91 7.53 32.34
N LEU A 96 -22.26 8.71 32.86
CA LEU A 96 -21.35 9.46 33.71
C LEU A 96 -21.13 8.76 35.05
N HIS A 97 -22.16 8.11 35.59
CA HIS A 97 -21.99 7.35 36.83
C HIS A 97 -21.23 6.05 36.61
N THR A 98 -21.12 5.58 35.36
CA THR A 98 -20.37 4.37 35.09
C THR A 98 -18.87 4.55 35.34
N LEU A 99 -18.37 5.78 35.17
CA LEU A 99 -16.94 6.04 35.32
C LEU A 99 -16.48 5.79 36.75
N GLY A 100 -15.36 5.09 36.89
CA GLY A 100 -14.82 4.74 38.18
C GLY A 100 -15.27 3.41 38.73
N THR A 101 -16.26 2.77 38.11
CA THR A 101 -16.75 1.47 38.55
C THR A 101 -16.19 0.32 37.71
N GLU A 102 -15.19 0.60 36.87
CA GLU A 102 -14.64 -0.40 35.97
C GLU A 102 -13.32 -0.93 36.51
N THR A 103 -13.24 -2.23 36.69
CA THR A 103 -11.97 -2.87 37.03
C THR A 103 -11.14 -3.19 35.80
N TYR A 104 -11.72 -3.06 34.61
CA TYR A 104 -10.97 -3.26 33.37
C TYR A 104 -9.94 -2.16 33.19
N ARG A 105 -8.75 -2.54 32.74
CA ARG A 105 -7.68 -1.57 32.53
C ARG A 105 -7.99 -0.57 31.42
N PRO A 106 -8.55 -0.97 30.23
CA PRO A 106 -9.11 0.05 29.34
C PRO A 106 -10.54 0.38 29.70
N SER A 107 -10.88 1.67 29.71
CA SER A 107 -12.23 2.08 30.09
C SER A 107 -13.20 1.86 28.95
N SER A 108 -14.34 1.24 29.25
CA SER A 108 -15.37 1.00 28.25
C SER A 108 -16.37 2.15 28.18
N ALA A 109 -16.71 2.74 29.32
CA ALA A 109 -17.69 3.82 29.33
C ALA A 109 -17.13 5.12 28.78
N SER A 110 -15.80 5.24 28.68
CA SER A 110 -15.19 6.46 28.16
C SER A 110 -15.53 6.66 26.69
N GLN A 111 -15.63 5.57 25.93
CA GLN A 111 -16.07 5.69 24.53
C GLN A 111 -17.50 6.18 24.45
N CYS A 112 -18.36 5.74 25.39
CA CYS A 112 -19.72 6.25 25.46
C CYS A 112 -19.74 7.74 25.80
N VAL A 113 -18.86 8.17 26.73
CA VAL A 113 -18.78 9.58 27.08
C VAL A 113 -18.38 10.41 25.87
N ALA A 114 -17.38 9.94 25.12
CA ALA A 114 -16.94 10.65 23.93
C ALA A 114 -18.03 10.68 22.86
N GLY A 115 -18.71 9.56 22.64
CA GLY A 115 -19.73 9.50 21.60
C GLY A 115 -20.93 10.37 21.92
N ILE A 116 -21.36 10.40 23.18
CA ILE A 116 -22.46 11.28 23.57
C ILE A 116 -22.02 12.73 23.51
N ALA A 117 -20.80 13.02 23.97
CA ALA A 117 -20.32 14.41 24.04
C ALA A 117 -20.15 15.00 22.65
N CYS A 118 -19.71 14.21 21.66
CA CYS A 118 -19.52 14.73 20.31
C CYS A 118 -20.82 15.21 19.68
N ALA A 119 -21.97 14.75 20.16
CA ALA A 119 -23.25 15.26 19.70
C ALA A 119 -23.81 16.32 20.63
N GLU A 120 -23.62 16.18 21.94
CA GLU A 120 -24.24 17.10 22.87
C GLU A 120 -23.53 18.45 22.93
N ILE A 121 -22.20 18.46 22.82
CA ILE A 121 -21.43 19.70 22.99
C ILE A 121 -21.72 20.74 21.90
N PRO A 122 -21.77 20.41 20.60
CA PRO A 122 -22.11 21.45 19.61
C PRO A 122 -23.50 22.07 19.81
N VAL A 123 -24.44 21.33 20.40
CA VAL A 123 -25.71 21.92 20.79
C VAL A 123 -25.66 22.49 22.19
N ASN A 124 -24.59 22.20 22.96
CA ASN A 124 -24.42 22.62 24.35
C ASN A 124 -25.60 22.19 25.22
N GLN A 125 -26.09 20.97 24.98
CA GLN A 125 -27.20 20.43 25.74
C GLN A 125 -26.73 19.67 26.98
N TRP A 126 -25.43 19.51 27.17
CA TRP A 126 -24.88 18.87 28.37
C TRP A 126 -23.79 19.76 28.96
N PRO A 127 -24.16 20.90 29.57
CA PRO A 127 -23.14 21.80 30.12
C PRO A 127 -22.72 21.42 31.53
N GLU A 128 -22.48 20.13 31.76
CA GLU A 128 -22.03 19.66 33.08
C GLU A 128 -20.91 18.65 32.99
N LEU A 129 -20.46 18.26 31.79
CA LEU A 129 -19.51 17.17 31.66
C LEU A 129 -18.10 17.61 32.00
N ILE A 130 -17.65 18.74 31.43
CA ILE A 130 -16.29 19.22 31.68
C ILE A 130 -16.05 19.61 33.14
N PRO A 131 -16.93 20.36 33.82
CA PRO A 131 -16.70 20.59 35.27
C PRO A 131 -16.72 19.31 36.09
N GLN A 132 -17.55 18.34 35.73
CA GLN A 132 -17.56 17.07 36.47
C GLN A 132 -16.26 16.32 36.30
N LEU A 133 -15.73 16.27 35.07
CA LEU A 133 -14.47 15.58 34.83
C LEU A 133 -13.30 16.30 35.50
N VAL A 134 -13.31 17.63 35.47
CA VAL A 134 -12.25 18.40 36.11
C VAL A 134 -12.28 18.20 37.62
N ALA A 135 -13.47 18.24 38.23
CA ALA A 135 -13.58 18.00 39.67
C ALA A 135 -13.29 16.56 40.03
N ASN A 136 -13.48 15.63 39.10
CA ASN A 136 -13.12 14.23 39.35
C ASN A 136 -11.60 14.04 39.34
N VAL A 137 -10.92 14.64 38.36
CA VAL A 137 -9.48 14.47 38.24
C VAL A 137 -8.76 15.21 39.36
N THR A 138 -9.17 16.46 39.62
CA THR A 138 -8.46 17.31 40.57
C THR A 138 -8.76 16.98 42.03
N ASN A 139 -9.72 16.13 42.31
CA ASN A 139 -10.02 15.78 43.70
C ASN A 139 -8.94 14.84 44.24
N PRO A 140 -8.30 15.20 45.36
CA PRO A 140 -7.30 14.29 45.94
C PRO A 140 -7.88 13.00 46.49
N ASN A 141 -9.18 12.93 46.75
CA ASN A 141 -9.82 11.74 47.27
C ASN A 141 -10.25 10.78 46.17
N SER A 142 -10.03 11.12 44.91
CA SER A 142 -10.41 10.25 43.81
C SER A 142 -9.54 9.00 43.78
N THR A 143 -10.15 7.88 43.39
CA THR A 143 -9.44 6.62 43.31
C THR A 143 -8.60 6.54 42.04
N GLU A 144 -7.79 5.48 41.96
CA GLU A 144 -6.94 5.27 40.79
C GLU A 144 -7.78 4.99 39.54
N HIS A 145 -8.77 4.11 39.65
CA HIS A 145 -9.59 3.75 38.50
C HIS A 145 -10.44 4.92 38.03
N MET A 146 -10.97 5.71 38.96
CA MET A 146 -11.79 6.86 38.57
C MET A 146 -10.96 7.92 37.87
N LYS A 147 -9.76 8.20 38.38
CA LYS A 147 -8.86 9.14 37.71
C LYS A 147 -8.46 8.64 36.33
N GLU A 148 -8.14 7.35 36.22
CA GLU A 148 -7.75 6.78 34.94
C GLU A 148 -8.88 6.85 33.92
N SER A 149 -10.10 6.51 34.35
CA SER A 149 -11.24 6.54 33.44
C SER A 149 -11.60 7.96 33.02
N THR A 150 -11.52 8.92 33.95
CA THR A 150 -11.81 10.30 33.60
C THR A 150 -10.77 10.86 32.63
N LEU A 151 -9.48 10.55 32.85
CA LEU A 151 -8.45 11.00 31.93
C LEU A 151 -8.61 10.35 30.56
N GLU A 152 -8.97 9.05 30.53
CA GLU A 152 -9.19 8.37 29.26
C GLU A 152 -10.38 8.96 28.50
N ALA A 153 -11.45 9.29 29.22
CA ALA A 153 -12.60 9.93 28.59
C ALA A 153 -12.27 11.31 28.08
N ILE A 154 -11.45 12.06 28.84
CA ILE A 154 -11.00 13.37 28.40
C ILE A 154 -10.19 13.27 27.11
N GLY A 155 -9.29 12.28 27.05
CA GLY A 155 -8.52 12.07 25.84
C GLY A 155 -9.37 11.68 24.65
N TYR A 156 -10.36 10.80 24.87
CA TYR A 156 -11.25 10.39 23.78
C TYR A 156 -12.10 11.56 23.28
N ILE A 157 -12.59 12.39 24.21
CA ILE A 157 -13.37 13.56 23.83
C ILE A 157 -12.51 14.53 23.01
N CYS A 158 -11.31 14.82 23.50
CA CYS A 158 -10.44 15.77 22.80
C CYS A 158 -9.96 15.23 21.46
N GLN A 159 -9.91 13.90 21.28
CA GLN A 159 -9.52 13.37 20.00
C GLN A 159 -10.68 13.36 19.01
N ASP A 160 -11.84 12.84 19.42
CA ASP A 160 -12.94 12.62 18.47
C ASP A 160 -13.65 13.91 18.09
N ILE A 161 -13.87 14.82 19.05
CA ILE A 161 -14.71 15.98 18.77
C ILE A 161 -13.97 16.99 17.91
N ASP A 162 -14.75 17.86 17.26
CA ASP A 162 -14.17 18.94 16.48
C ASP A 162 -13.52 19.98 17.41
N PRO A 163 -12.38 20.56 17.01
CA PRO A 163 -11.65 21.43 17.95
C PRO A 163 -12.29 22.78 18.19
N GLU A 164 -13.30 23.17 17.42
CA GLU A 164 -13.90 24.49 17.56
C GLU A 164 -15.07 24.52 18.54
N GLN A 165 -15.26 23.46 19.32
CA GLN A 165 -16.32 23.42 20.32
C GLN A 165 -15.82 23.64 21.74
N LEU A 166 -14.78 22.91 22.15
CA LEU A 166 -14.22 23.03 23.49
C LEU A 166 -12.99 23.93 23.55
N GLN A 167 -12.88 24.87 22.62
CA GLN A 167 -11.72 25.76 22.62
C GLN A 167 -11.75 26.73 23.79
N ASP A 168 -12.93 27.06 24.31
CA ASP A 168 -13.03 28.01 25.40
C ASP A 168 -12.62 27.40 26.74
N LYS A 169 -12.96 26.12 26.97
CA LYS A 169 -12.72 25.49 28.25
C LYS A 169 -11.59 24.46 28.19
N SER A 170 -10.69 24.58 27.22
CA SER A 170 -9.57 23.64 27.11
C SER A 170 -8.49 23.89 28.16
N ASN A 171 -8.46 25.09 28.75
CA ASN A 171 -7.45 25.40 29.76
C ASN A 171 -7.62 24.54 31.00
N GLU A 172 -8.86 24.37 31.46
CA GLU A 172 -9.12 23.50 32.60
C GLU A 172 -8.84 22.04 32.26
N ILE A 173 -9.08 21.66 31.00
CA ILE A 173 -8.79 20.30 30.55
C ILE A 173 -7.30 20.02 30.64
N LEU A 174 -6.48 20.96 30.13
CA LEU A 174 -5.03 20.78 30.20
C LEU A 174 -4.52 20.90 31.62
N THR A 175 -5.18 21.70 32.46
CA THR A 175 -4.83 21.74 33.88
C THR A 175 -5.06 20.40 34.55
N ALA A 176 -6.18 19.75 34.23
CA ALA A 176 -6.45 18.41 34.76
C ALA A 176 -5.44 17.40 34.24
N ILE A 177 -5.07 17.50 32.96
CA ILE A 177 -4.08 16.59 32.38
C ILE A 177 -2.72 16.73 33.07
N ILE A 178 -2.29 17.98 33.26
CA ILE A 178 -1.01 18.25 33.92
C ILE A 178 -1.04 17.81 35.37
N GLN A 179 -2.18 18.01 36.04
CA GLN A 179 -2.32 17.57 37.43
C GLN A 179 -2.26 16.04 37.53
N GLY A 180 -2.83 15.34 36.55
CA GLY A 180 -2.75 13.89 36.54
C GLY A 180 -1.45 13.31 36.04
N MET A 181 -0.61 14.12 35.39
CA MET A 181 0.64 13.61 34.83
C MET A 181 1.85 13.80 35.76
N ARG A 182 1.76 14.71 36.72
CA ARG A 182 2.93 15.17 37.47
C ARG A 182 3.52 14.06 38.34
N LYS A 183 4.72 14.33 38.86
CA LYS A 183 5.51 13.33 39.56
C LYS A 183 4.86 12.90 40.88
N GLU A 184 4.05 13.78 41.48
CA GLU A 184 3.45 13.51 42.79
C GLU A 184 2.37 12.43 42.75
N GLU A 185 1.95 12.01 41.56
CA GLU A 185 0.95 10.94 41.46
C GLU A 185 1.56 9.61 41.91
N PRO A 186 0.94 8.91 42.86
CA PRO A 186 1.55 7.67 43.36
C PRO A 186 1.44 6.51 42.37
N SER A 187 0.35 6.42 41.62
CA SER A 187 0.10 5.25 40.78
C SER A 187 0.67 5.49 39.38
N ASN A 188 1.36 4.48 38.86
CA ASN A 188 1.93 4.58 37.51
C ASN A 188 0.86 4.49 36.44
N ASN A 189 -0.25 3.79 36.72
CA ASN A 189 -1.32 3.65 35.73
C ASN A 189 -1.99 4.98 35.44
N VAL A 190 -2.13 5.82 36.47
CA VAL A 190 -2.70 7.15 36.29
C VAL A 190 -1.78 8.00 35.42
N LYS A 191 -0.47 7.90 35.65
CA LYS A 191 0.49 8.62 34.83
C LYS A 191 0.44 8.15 33.37
N LEU A 192 0.33 6.83 33.17
CA LEU A 192 0.24 6.29 31.82
C LEU A 192 -1.03 6.77 31.12
N ALA A 193 -2.16 6.76 31.83
CA ALA A 193 -3.41 7.25 31.26
C ALA A 193 -3.34 8.73 30.94
N ALA A 194 -2.69 9.51 31.82
CA ALA A 194 -2.54 10.95 31.56
C ALA A 194 -1.68 11.21 30.34
N THR A 195 -0.59 10.46 30.19
CA THR A 195 0.28 10.63 29.03
C THR A 195 -0.43 10.22 27.74
N ASN A 196 -1.20 9.12 27.78
CA ASN A 196 -1.98 8.72 26.61
C ASN A 196 -3.06 9.76 26.26
N ALA A 197 -3.69 10.33 27.29
CA ALA A 197 -4.68 11.37 27.06
C ALA A 197 -4.06 12.61 26.43
N LEU A 198 -2.87 12.99 26.90
CA LEU A 198 -2.16 14.10 26.28
C LEU A 198 -1.76 13.77 24.84
N LEU A 199 -1.37 12.51 24.60
CA LEU A 199 -1.03 12.07 23.25
C LEU A 199 -2.23 12.21 22.32
N ASN A 200 -3.42 11.84 22.80
CA ASN A 200 -4.62 12.00 21.99
C ASN A 200 -4.99 13.46 21.81
N SER A 201 -4.81 14.27 22.84
CA SER A 201 -5.25 15.67 22.81
C SER A 201 -4.22 16.62 22.24
N LEU A 202 -3.05 16.14 21.82
CA LEU A 202 -2.04 17.03 21.23
C LEU A 202 -2.54 17.71 19.96
N GLU A 203 -3.41 17.06 19.21
CA GLU A 203 -4.00 17.69 18.03
C GLU A 203 -5.15 18.62 18.38
N PHE A 204 -5.63 18.58 19.62
CA PHE A 204 -6.75 19.41 20.04
C PHE A 204 -6.30 20.72 20.67
N THR A 205 -5.16 20.74 21.36
CA THR A 205 -4.75 21.89 22.16
C THR A 205 -3.83 22.83 21.40
N LYS A 206 -4.01 22.96 20.08
CA LYS A 206 -3.14 23.84 19.28
C LYS A 206 -3.28 25.30 19.71
N ALA A 207 -4.52 25.75 19.96
CA ALA A 207 -4.73 27.11 20.45
C ALA A 207 -4.13 27.29 21.84
N ASN A 208 -4.19 26.25 22.67
CA ASN A 208 -3.54 26.31 23.97
C ASN A 208 -2.02 26.23 23.83
N PHE A 209 -1.54 25.47 22.86
CA PHE A 209 -0.10 25.36 22.62
C PHE A 209 0.48 26.66 22.07
N ASP A 210 -0.35 27.50 21.43
CA ASP A 210 0.11 28.81 20.99
C ASP A 210 0.46 29.72 22.16
N LYS A 211 -0.16 29.53 23.32
CA LYS A 211 0.18 30.30 24.51
C LYS A 211 1.52 29.82 25.06
N GLU A 212 2.36 30.77 25.46
CA GLU A 212 3.74 30.45 25.84
C GLU A 212 3.80 29.73 27.19
N SER A 213 3.05 30.23 28.18
CA SER A 213 3.14 29.68 29.52
C SER A 213 2.61 28.25 29.60
N GLU A 214 1.49 27.98 28.94
CA GLU A 214 0.94 26.63 28.93
C GLU A 214 1.84 25.68 28.16
N ARG A 215 2.44 26.16 27.07
CA ARG A 215 3.40 25.34 26.32
C ARG A 215 4.61 25.00 27.17
N HIS A 216 5.13 25.98 27.92
CA HIS A 216 6.25 25.72 28.82
C HIS A 216 5.90 24.73 29.91
N PHE A 217 4.69 24.86 30.47
CA PHE A 217 4.24 23.94 31.51
C PHE A 217 4.12 22.51 30.97
N ILE A 218 3.54 22.37 29.77
CA ILE A 218 3.39 21.06 29.15
C ILE A 218 4.76 20.44 28.86
N MET A 219 5.68 21.23 28.32
CA MET A 219 7.02 20.73 28.02
C MET A 219 7.75 20.32 29.29
N GLN A 220 7.63 21.11 30.36
CA GLN A 220 8.28 20.77 31.63
C GLN A 220 7.71 19.49 32.22
N VAL A 221 6.39 19.32 32.15
CA VAL A 221 5.77 18.12 32.71
C VAL A 221 6.14 16.89 31.89
N VAL A 222 6.20 17.01 30.56
CA VAL A 222 6.59 15.89 29.72
C VAL A 222 8.05 15.52 29.95
N CYS A 223 8.94 16.51 30.07
CA CYS A 223 10.34 16.24 30.35
C CYS A 223 10.52 15.62 31.74
N GLU A 224 9.69 16.00 32.71
CA GLU A 224 9.74 15.36 34.01
C GLU A 224 9.24 13.92 33.94
N ALA A 225 8.21 13.67 33.13
CA ALA A 225 7.64 12.33 33.01
C ALA A 225 8.52 11.39 32.21
N THR A 226 9.43 11.94 31.38
CA THR A 226 10.38 11.08 30.67
C THR A 226 11.32 10.35 31.60
N GLN A 227 11.55 10.88 32.81
CA GLN A 227 12.46 10.27 33.78
C GLN A 227 11.75 9.34 34.75
N CYS A 228 10.62 8.76 34.36
CA CYS A 228 9.86 7.90 35.25
C CYS A 228 10.59 6.57 35.44
N PRO A 229 10.57 6.00 36.66
CA PRO A 229 11.13 4.66 36.84
C PRO A 229 10.40 3.59 36.04
N ASP A 230 9.11 3.74 35.79
CA ASP A 230 8.37 2.77 35.01
C ASP A 230 8.73 2.88 33.53
N THR A 231 8.82 1.73 32.86
CA THR A 231 9.23 1.70 31.47
C THR A 231 8.12 2.21 30.55
N ARG A 232 6.88 1.79 30.79
CA ARG A 232 5.77 2.15 29.91
C ARG A 232 5.49 3.64 29.93
N VAL A 233 5.66 4.28 31.09
CA VAL A 233 5.48 5.72 31.18
C VAL A 233 6.57 6.43 30.38
N ARG A 234 7.80 5.90 30.41
CA ARG A 234 8.87 6.46 29.60
C ARG A 234 8.57 6.33 28.11
N VAL A 235 8.06 5.16 27.69
CA VAL A 235 7.71 4.95 26.29
C VAL A 235 6.60 5.90 25.87
N ALA A 236 5.58 6.06 26.70
CA ALA A 236 4.48 6.98 26.39
C ALA A 236 4.96 8.42 26.33
N ALA A 237 5.86 8.81 27.24
CA ALA A 237 6.39 10.18 27.22
C ALA A 237 7.25 10.42 25.99
N LEU A 238 8.03 9.42 25.57
CA LEU A 238 8.81 9.57 24.35
C LEU A 238 7.91 9.65 23.11
N GLN A 239 6.81 8.88 23.10
CA GLN A 239 5.84 8.99 22.02
C GLN A 239 5.19 10.37 22.01
N ASN A 240 4.92 10.92 23.19
CA ASN A 240 4.41 12.29 23.28
C ASN A 240 5.41 13.29 22.73
N LEU A 241 6.70 13.09 23.01
CA LEU A 241 7.73 13.95 22.47
C LEU A 241 7.80 13.85 20.95
N VAL A 242 7.65 12.63 20.42
CA VAL A 242 7.65 12.42 18.97
C VAL A 242 6.49 13.16 18.32
N LYS A 243 5.29 13.03 18.90
CA LYS A 243 4.12 13.70 18.34
C LYS A 243 4.20 15.21 18.51
N ILE A 244 4.81 15.69 19.60
CA ILE A 244 5.02 17.12 19.79
C ILE A 244 5.95 17.67 18.71
N MET A 245 7.05 16.97 18.43
CA MET A 245 7.96 17.41 17.39
C MET A 245 7.33 17.31 16.00
N SER A 246 6.44 16.34 15.80
CA SER A 246 5.72 16.24 14.54
C SER A 246 4.74 17.40 14.36
N LEU A 247 4.07 17.81 15.44
CA LEU A 247 3.02 18.81 15.34
C LEU A 247 3.53 20.22 15.62
N TYR A 248 4.51 20.38 16.50
CA TYR A 248 4.92 21.70 16.95
C TYR A 248 6.41 21.92 16.76
N TYR A 249 6.91 21.61 15.57
CA TYR A 249 8.34 21.72 15.29
C TYR A 249 8.84 23.17 15.37
N GLN A 250 7.96 24.15 15.14
CA GLN A 250 8.37 25.54 15.15
C GLN A 250 8.61 26.11 16.54
N TYR A 251 8.21 25.40 17.59
CA TYR A 251 8.36 25.89 18.95
C TYR A 251 9.36 25.08 19.78
N MET A 252 10.09 24.14 19.17
CA MET A 252 11.04 23.33 19.91
C MET A 252 12.43 23.95 20.01
N GLU A 253 12.67 25.06 19.32
CA GLU A 253 14.00 25.65 19.31
C GLU A 253 14.40 26.17 20.68
N THR A 254 13.43 26.60 21.49
CA THR A 254 13.72 27.02 22.85
C THR A 254 13.96 25.85 23.79
N TYR A 255 13.33 24.69 23.51
CA TYR A 255 13.33 23.59 24.46
C TYR A 255 14.22 22.41 24.08
N MET A 256 14.52 22.21 22.79
CA MET A 256 15.29 21.03 22.41
C MET A 256 16.76 21.17 22.77
N GLY A 257 17.26 22.40 22.86
CA GLY A 257 18.66 22.64 23.16
C GLY A 257 19.09 22.17 24.54
N PRO A 258 18.61 22.83 25.60
CA PRO A 258 19.07 22.47 26.94
C PRO A 258 18.36 21.28 27.56
N ALA A 259 17.20 20.87 27.06
CA ALA A 259 16.38 19.89 27.75
C ALA A 259 16.24 18.57 27.00
N LEU A 260 15.78 18.61 25.74
CA LEU A 260 15.40 17.38 25.06
C LEU A 260 16.61 16.56 24.62
N PHE A 261 17.74 17.21 24.34
CA PHE A 261 18.87 16.52 23.72
C PHE A 261 19.45 15.46 24.65
N ALA A 262 19.68 15.81 25.92
CA ALA A 262 20.24 14.87 26.87
C ALA A 262 19.28 13.72 27.14
N ILE A 263 17.98 14.02 27.24
CA ILE A 263 16.97 12.99 27.50
C ILE A 263 16.92 11.99 26.35
N THR A 264 16.92 12.49 25.11
CA THR A 264 16.83 11.60 23.97
C THR A 264 18.13 10.82 23.73
N ILE A 265 19.28 11.44 24.01
CA ILE A 265 20.54 10.70 23.92
C ILE A 265 20.61 9.60 24.96
N GLU A 266 20.16 9.88 26.19
CA GLU A 266 20.10 8.85 27.23
C GLU A 266 19.11 7.76 26.88
N ALA A 267 18.01 8.12 26.21
CA ALA A 267 17.07 7.11 25.72
C ALA A 267 17.71 6.23 24.66
N MET A 268 18.48 6.84 23.76
CA MET A 268 19.18 6.08 22.71
C MET A 268 20.21 5.13 23.31
N LYS A 269 20.93 5.57 24.35
CA LYS A 269 21.94 4.74 24.99
C LYS A 269 21.34 3.62 25.84
N SER A 270 20.03 3.62 26.07
CA SER A 270 19.42 2.64 26.96
C SER A 270 19.47 1.24 26.37
N ASP A 271 19.71 0.26 27.23
CA ASP A 271 19.71 -1.14 26.83
C ASP A 271 18.31 -1.73 26.70
N ILE A 272 17.29 -1.03 27.20
CA ILE A 272 15.91 -1.48 27.03
C ILE A 272 15.51 -1.27 25.59
N ASP A 273 14.89 -2.29 24.99
CA ASP A 273 14.56 -2.26 23.57
C ASP A 273 13.54 -1.17 23.26
N GLU A 274 12.52 -1.01 24.11
CA GLU A 274 11.46 -0.06 23.83
C GLU A 274 11.96 1.38 23.91
N VAL A 275 12.75 1.71 24.93
CA VAL A 275 13.22 3.08 25.10
C VAL A 275 14.23 3.45 24.02
N ALA A 276 15.15 2.54 23.71
CA ALA A 276 16.12 2.79 22.65
C ALA A 276 15.43 2.91 21.30
N LEU A 277 14.44 2.05 21.04
CA LEU A 277 13.67 2.13 19.81
C LEU A 277 12.92 3.46 19.72
N GLN A 278 12.39 3.93 20.85
CA GLN A 278 11.65 5.20 20.85
C GLN A 278 12.57 6.39 20.63
N GLY A 279 13.79 6.36 21.19
CA GLY A 279 14.74 7.43 20.93
C GLY A 279 15.21 7.44 19.48
N ILE A 280 15.51 6.25 18.94
CA ILE A 280 15.89 6.14 17.53
C ILE A 280 14.76 6.63 16.63
N GLU A 281 13.52 6.29 16.98
CA GLU A 281 12.38 6.77 16.20
C GLU A 281 12.16 8.27 16.40
N PHE A 282 12.52 8.82 17.56
CA PHE A 282 12.46 10.27 17.75
C PHE A 282 13.38 10.97 16.77
N TRP A 283 14.62 10.48 16.66
CA TRP A 283 15.53 11.15 15.72
C TRP A 283 15.21 10.83 14.26
N SER A 284 14.62 9.66 14.00
CA SER A 284 14.13 9.37 12.65
C SER A 284 12.98 10.29 12.27
N ASN A 285 12.10 10.59 13.22
CA ASN A 285 11.02 11.54 12.99
C ASN A 285 11.57 12.94 12.79
N VAL A 286 12.64 13.29 13.51
CA VAL A 286 13.31 14.56 13.29
C VAL A 286 13.83 14.65 11.85
N CYS A 287 14.46 13.56 11.38
CA CYS A 287 14.95 13.51 10.00
C CYS A 287 13.82 13.60 8.99
N ASP A 288 12.70 12.92 9.25
CA ASP A 288 11.56 12.95 8.34
C ASP A 288 10.97 14.35 8.24
N GLU A 289 10.77 15.00 9.39
CA GLU A 289 10.24 16.35 9.39
C GLU A 289 11.22 17.34 8.74
N GLU A 290 12.52 17.13 8.96
CA GLU A 290 13.50 18.03 8.34
C GLU A 290 13.54 17.86 6.83
N MET A 291 13.44 16.63 6.33
CA MET A 291 13.45 16.46 4.88
C MET A 291 12.14 16.92 4.25
N ASP A 292 11.01 16.78 4.96
CA ASP A 292 9.76 17.34 4.47
C ASP A 292 9.82 18.86 4.42
N LEU A 293 10.41 19.49 5.43
CA LEU A 293 10.60 20.94 5.41
C LEU A 293 11.58 21.35 4.32
N ALA A 294 12.59 20.52 4.03
CA ALA A 294 13.51 20.81 2.94
C ALA A 294 12.80 20.75 1.59
N ILE A 295 11.91 19.76 1.41
CA ILE A 295 11.11 19.68 0.18
C ILE A 295 10.20 20.90 0.06
N GLU A 296 9.57 21.31 1.17
CA GLU A 296 8.72 22.49 1.16
C GLU A 296 9.52 23.75 0.84
N ALA A 297 10.73 23.87 1.40
CA ALA A 297 11.57 25.03 1.12
C ALA A 297 12.04 25.06 -0.32
N SER A 298 12.34 23.88 -0.89
CA SER A 298 12.70 23.81 -2.31
C SER A 298 11.54 24.21 -3.20
N GLU A 299 10.33 23.76 -2.86
CA GLU A 299 9.15 24.14 -3.64
C GLU A 299 8.85 25.63 -3.51
N ALA A 300 9.08 26.20 -2.32
CA ALA A 300 8.88 27.64 -2.14
C ALA A 300 9.94 28.44 -2.90
N ALA A 301 11.17 27.93 -2.95
CA ALA A 301 12.23 28.59 -3.72
C ALA A 301 11.97 28.50 -5.22
N GLU A 302 11.34 27.42 -5.67
CA GLU A 302 10.91 27.35 -7.07
C GLU A 302 9.83 28.38 -7.38
N GLN A 303 8.99 28.70 -6.39
CA GLN A 303 7.98 29.74 -6.55
C GLN A 303 8.50 31.12 -6.21
N GLY A 304 9.76 31.24 -5.78
CA GLY A 304 10.32 32.52 -5.41
C GLY A 304 9.71 33.14 -4.16
N ARG A 305 9.41 32.33 -3.16
CA ARG A 305 8.80 32.80 -1.92
C ARG A 305 9.52 32.15 -0.75
N PRO A 306 9.52 32.81 0.42
CA PRO A 306 10.01 32.14 1.62
C PRO A 306 9.09 31.00 2.02
N PRO A 307 9.62 29.95 2.62
CA PRO A 307 8.77 28.85 3.06
C PRO A 307 7.90 29.23 4.26
N GLU A 308 6.81 28.50 4.42
CA GLU A 308 5.92 28.72 5.56
C GLU A 308 6.62 28.37 6.87
N HIS A 309 7.40 27.29 6.88
CA HIS A 309 8.14 26.85 8.05
C HIS A 309 9.58 26.63 7.65
N THR A 310 10.51 27.17 8.44
CA THR A 310 11.94 27.07 8.17
C THR A 310 12.55 26.09 9.16
N SER A 311 13.20 25.05 8.64
CA SER A 311 13.87 24.08 9.50
C SER A 311 15.13 24.69 10.10
N LYS A 312 15.52 24.15 11.25
CA LYS A 312 16.70 24.63 11.96
C LYS A 312 17.81 23.58 12.02
N PHE A 313 17.63 22.44 11.34
CA PHE A 313 18.64 21.41 11.15
C PHE A 313 19.15 20.86 12.49
N TYR A 314 18.24 20.24 13.24
CA TYR A 314 18.61 19.65 14.53
C TYR A 314 19.48 18.41 14.33
N ALA A 315 19.10 17.54 13.39
CA ALA A 315 19.86 16.32 13.17
C ALA A 315 21.25 16.63 12.60
N LYS A 316 21.35 17.63 11.72
CA LYS A 316 22.64 18.02 11.17
C LYS A 316 23.55 18.57 12.26
N GLY A 317 22.99 19.32 13.22
CA GLY A 317 23.78 19.80 14.33
C GLY A 317 24.09 18.76 15.37
N ALA A 318 23.31 17.69 15.44
CA ALA A 318 23.50 16.64 16.43
C ALA A 318 24.14 15.37 15.85
N LEU A 319 24.57 15.41 14.59
CA LEU A 319 25.23 14.28 13.94
C LEU A 319 26.43 13.77 14.73
N GLN A 320 27.19 14.67 15.34
CA GLN A 320 28.43 14.31 16.02
C GLN A 320 28.19 13.37 17.20
N TYR A 321 26.99 13.43 17.80
CA TYR A 321 26.62 12.51 18.85
C TYR A 321 25.65 11.44 18.39
N LEU A 322 24.97 11.66 17.26
CA LEU A 322 24.06 10.65 16.74
C LEU A 322 24.81 9.48 16.12
N VAL A 323 25.84 9.77 15.32
CA VAL A 323 26.51 8.72 14.54
C VAL A 323 27.21 7.68 15.41
N PRO A 324 28.05 8.03 16.40
CA PRO A 324 28.68 6.97 17.21
C PRO A 324 27.68 6.13 18.00
N ILE A 325 26.60 6.72 18.50
CA ILE A 325 25.60 5.97 19.24
C ILE A 325 24.87 5.00 18.31
N LEU A 326 24.51 5.46 17.11
CA LEU A 326 23.86 4.58 16.14
C LEU A 326 24.76 3.42 15.72
N THR A 327 26.04 3.71 15.47
CA THR A 327 26.96 2.65 15.08
C THR A 327 27.23 1.69 16.23
N GLN A 328 27.21 2.18 17.47
CA GLN A 328 27.39 1.28 18.61
C GLN A 328 26.17 0.40 18.81
N THR A 329 24.98 0.93 18.58
CA THR A 329 23.77 0.11 18.65
C THR A 329 23.69 -0.85 17.47
N LEU A 330 24.36 -0.53 16.36
CA LEU A 330 24.39 -1.42 15.21
C LEU A 330 25.20 -2.69 15.46
N THR A 331 25.97 -2.75 16.55
CA THR A 331 26.74 -3.94 16.90
C THR A 331 25.93 -4.93 17.72
N LYS A 332 24.70 -4.59 18.10
CA LYS A 332 23.85 -5.46 18.90
C LYS A 332 23.14 -6.43 17.96
N GLN A 333 23.49 -7.71 18.03
CA GLN A 333 22.86 -8.72 17.19
C GLN A 333 22.83 -10.04 17.95
N ASP A 334 22.43 -11.09 17.23
CA ASP A 334 22.41 -12.44 17.76
C ASP A 334 22.65 -13.39 16.59
N GLU A 335 23.06 -14.62 16.91
CA GLU A 335 23.31 -15.62 15.88
C GLU A 335 22.03 -16.03 15.15
N ASN A 336 20.87 -15.92 15.80
CA ASN A 336 19.59 -16.24 15.20
C ASN A 336 18.73 -14.98 15.21
N ASP A 337 18.89 -14.16 14.17
CA ASP A 337 18.11 -12.94 14.01
C ASP A 337 17.55 -12.88 12.60
N ASP A 338 16.28 -12.54 12.48
CA ASP A 338 15.67 -12.34 11.17
C ASP A 338 16.09 -10.98 10.62
N ASP A 339 15.80 -10.76 9.34
CA ASP A 339 16.12 -9.48 8.72
C ASP A 339 15.20 -8.38 9.21
N ASP A 340 13.89 -8.55 9.02
CA ASP A 340 12.91 -7.57 9.46
C ASP A 340 12.38 -7.94 10.86
N ASP A 341 13.31 -8.14 11.78
CA ASP A 341 12.95 -8.40 13.17
C ASP A 341 12.48 -7.13 13.88
N TRP A 342 12.89 -5.96 13.39
CA TRP A 342 12.62 -4.65 14.00
C TRP A 342 13.08 -4.62 15.46
N ASN A 343 14.34 -4.95 15.66
CA ASN A 343 15.03 -4.78 16.93
C ASN A 343 15.61 -3.37 16.93
N PRO A 344 16.26 -2.91 18.02
CA PRO A 344 16.98 -1.63 17.94
C PRO A 344 18.09 -1.60 16.90
N CYS A 345 18.63 -2.75 16.51
CA CYS A 345 19.63 -2.78 15.44
C CYS A 345 19.04 -2.39 14.10
N LYS A 346 17.87 -2.98 13.75
CA LYS A 346 17.21 -2.65 12.50
C LYS A 346 16.74 -1.19 12.49
N ALA A 347 16.23 -0.73 13.64
CA ALA A 347 15.84 0.67 13.76
C ALA A 347 17.04 1.59 13.62
N ALA A 348 18.19 1.20 14.17
CA ALA A 348 19.39 2.01 14.02
C ALA A 348 19.86 2.05 12.57
N GLY A 349 19.75 0.93 11.86
CA GLY A 349 20.09 0.94 10.44
C GLY A 349 19.17 1.82 9.62
N VAL A 350 17.86 1.75 9.89
CA VAL A 350 16.90 2.60 9.18
C VAL A 350 17.16 4.07 9.51
N CYS A 351 17.47 4.37 10.77
CA CYS A 351 17.79 5.75 11.15
C CYS A 351 19.09 6.22 10.53
N LEU A 352 20.07 5.33 10.36
CA LEU A 352 21.30 5.71 9.67
C LEU A 352 21.03 6.03 8.19
N MET A 353 20.18 5.23 7.54
CA MET A 353 19.80 5.54 6.17
C MET A 353 19.06 6.86 6.07
N LEU A 354 18.15 7.12 7.01
CA LEU A 354 17.42 8.39 7.03
C LEU A 354 18.36 9.56 7.28
N LEU A 355 19.31 9.40 8.20
CA LEU A 355 20.30 10.44 8.47
C LEU A 355 21.17 10.71 7.26
N ALA A 356 21.55 9.65 6.54
CA ALA A 356 22.32 9.82 5.32
C ALA A 356 21.54 10.59 4.27
N THR A 357 20.27 10.21 4.05
CA THR A 357 19.44 10.91 3.08
C THR A 357 19.14 12.35 3.50
N CYS A 358 19.17 12.63 4.80
CA CYS A 358 18.89 13.97 5.30
C CYS A 358 20.13 14.86 5.32
N CYS A 359 21.32 14.29 5.46
CA CYS A 359 22.52 15.09 5.68
C CYS A 359 23.56 15.01 4.58
N GLU A 360 23.39 14.14 3.57
CA GLU A 360 24.24 14.06 2.38
C GLU A 360 25.68 13.73 2.81
N ASP A 361 26.66 14.58 2.52
CA ASP A 361 28.06 14.26 2.72
C ASP A 361 28.55 14.50 4.14
N ASP A 362 27.70 15.03 5.02
CA ASP A 362 28.11 15.29 6.40
C ASP A 362 28.14 14.03 7.25
N ILE A 363 27.62 12.91 6.75
CA ILE A 363 27.61 11.67 7.53
C ILE A 363 28.82 10.79 7.22
N VAL A 364 29.50 11.01 6.10
CA VAL A 364 30.65 10.21 5.69
C VAL A 364 31.84 10.31 6.65
N PRO A 365 32.35 11.49 7.04
CA PRO A 365 33.54 11.49 7.91
C PRO A 365 33.25 11.06 9.34
N HIS A 366 31.99 11.09 9.78
CA HIS A 366 31.65 10.62 11.11
C HIS A 366 31.49 9.11 11.20
N VAL A 367 31.41 8.42 10.07
CA VAL A 367 31.22 6.98 10.06
C VAL A 367 32.36 6.24 9.36
N LEU A 368 33.21 6.92 8.60
CA LEU A 368 34.37 6.26 8.00
C LEU A 368 35.36 5.66 8.99
N PRO A 369 35.77 6.33 10.10
CA PRO A 369 36.71 5.67 11.03
C PRO A 369 36.19 4.39 11.65
N PHE A 370 34.88 4.28 11.90
CA PHE A 370 34.32 3.03 12.41
C PHE A 370 34.51 1.90 11.40
N ILE A 371 34.27 2.18 10.11
CA ILE A 371 34.44 1.18 9.07
C ILE A 371 35.91 0.79 8.94
N LYS A 372 36.80 1.80 8.95
CA LYS A 372 38.23 1.51 8.83
C LYS A 372 38.77 0.75 10.03
N GLU A 373 38.21 0.98 11.22
CA GLU A 373 38.63 0.25 12.40
C GLU A 373 38.12 -1.19 12.41
N HIS A 374 36.86 -1.40 12.04
CA HIS A 374 36.22 -2.69 12.25
C HIS A 374 35.95 -3.44 10.94
N ILE A 375 36.61 -3.06 9.84
CA ILE A 375 36.49 -3.85 8.61
C ILE A 375 37.25 -5.17 8.68
N LYS A 376 38.14 -5.33 9.67
CA LYS A 376 38.88 -6.57 9.86
C LYS A 376 38.87 -6.99 11.33
N ASN A 377 37.81 -6.65 12.04
CA ASN A 377 37.71 -6.98 13.45
C ASN A 377 37.54 -8.49 13.62
N PRO A 378 38.24 -9.10 14.61
CA PRO A 378 38.10 -10.54 14.83
C PRO A 378 36.69 -10.97 15.19
N ASP A 379 35.95 -10.16 15.94
CA ASP A 379 34.57 -10.47 16.26
C ASP A 379 33.69 -10.14 15.06
N TRP A 380 32.80 -11.08 14.72
CA TRP A 380 31.97 -10.93 13.53
C TRP A 380 30.93 -9.83 13.67
N ARG A 381 30.56 -9.47 14.90
CA ARG A 381 29.55 -8.43 15.11
C ARG A 381 30.04 -7.07 14.63
N TYR A 382 31.30 -6.75 14.90
CA TYR A 382 31.82 -5.45 14.48
C TYR A 382 32.04 -5.36 12.97
N ARG A 383 32.48 -6.46 12.34
CA ARG A 383 32.55 -6.48 10.88
C ARG A 383 31.16 -6.36 10.27
N ASP A 384 30.17 -7.03 10.86
CA ASP A 384 28.80 -6.92 10.40
C ASP A 384 28.29 -5.49 10.54
N ALA A 385 28.59 -4.83 11.65
CA ALA A 385 28.20 -3.44 11.84
C ALA A 385 28.88 -2.52 10.85
N ALA A 386 30.16 -2.79 10.57
CA ALA A 386 30.90 -1.97 9.61
C ALA A 386 30.33 -2.09 8.21
N VAL A 387 30.05 -3.32 7.76
CA VAL A 387 29.51 -3.49 6.42
C VAL A 387 28.06 -3.00 6.35
N MET A 388 27.30 -3.11 7.44
CA MET A 388 25.94 -2.58 7.46
C MET A 388 25.94 -1.06 7.38
N ALA A 389 26.87 -0.42 8.10
CA ALA A 389 27.00 1.04 8.02
C ALA A 389 27.44 1.47 6.63
N PHE A 390 28.37 0.72 6.03
CA PHE A 390 28.82 1.06 4.67
C PHE A 390 27.69 0.91 3.67
N GLY A 391 26.85 -0.11 3.84
CA GLY A 391 25.68 -0.24 2.98
C GLY A 391 24.66 0.87 3.21
N CYS A 392 24.49 1.28 4.46
CA CYS A 392 23.46 2.28 4.78
C CYS A 392 23.87 3.68 4.35
N ILE A 393 25.16 3.98 4.27
CA ILE A 393 25.58 5.33 3.92
C ILE A 393 25.69 5.50 2.41
N LEU A 394 25.23 4.50 1.64
CA LEU A 394 25.33 4.58 0.19
C LEU A 394 24.36 5.60 -0.38
N GLU A 395 23.13 5.64 0.13
CA GLU A 395 22.10 6.48 -0.42
C GLU A 395 22.10 7.84 0.26
N GLY A 396 22.26 8.91 -0.52
CA GLY A 396 22.20 10.26 0.00
C GLY A 396 23.46 11.08 -0.19
N PRO A 397 24.64 10.54 0.11
CA PRO A 397 25.87 11.22 -0.29
C PRO A 397 26.05 11.20 -1.80
N GLU A 398 26.86 12.15 -2.27
CA GLU A 398 27.19 12.24 -3.68
C GLU A 398 28.05 11.03 -4.07
N PRO A 399 27.68 10.30 -5.13
CA PRO A 399 28.43 9.07 -5.48
C PRO A 399 29.86 9.33 -5.93
N SER A 400 30.21 10.56 -6.35
CA SER A 400 31.59 10.86 -6.73
C SER A 400 32.51 10.77 -5.52
N GLN A 401 32.03 11.19 -4.36
CA GLN A 401 32.82 11.03 -3.14
C GLN A 401 32.90 9.57 -2.72
N LEU A 402 31.82 8.81 -2.91
CA LEU A 402 31.77 7.42 -2.49
C LEU A 402 32.56 6.50 -3.42
N LYS A 403 32.85 6.91 -4.65
CA LYS A 403 33.52 6.04 -5.61
C LYS A 403 34.92 5.59 -5.17
N PRO A 404 35.84 6.44 -4.71
CA PRO A 404 37.12 5.90 -4.22
C PRO A 404 36.98 4.99 -3.02
N LEU A 405 36.01 5.26 -2.14
CA LEU A 405 35.81 4.42 -0.95
C LEU A 405 35.35 3.02 -1.34
N VAL A 406 34.36 2.93 -2.23
CA VAL A 406 33.86 1.62 -2.64
C VAL A 406 34.88 0.91 -3.52
N ILE A 407 35.67 1.66 -4.29
CA ILE A 407 36.74 1.03 -5.08
C ILE A 407 37.80 0.43 -4.16
N GLN A 408 38.16 1.15 -3.09
CA GLN A 408 39.12 0.61 -2.13
C GLN A 408 38.54 -0.58 -1.38
N ALA A 409 37.26 -0.54 -1.02
CA ALA A 409 36.66 -1.57 -0.19
C ALA A 409 36.13 -2.76 -0.99
N MET A 410 36.16 -2.69 -2.33
CA MET A 410 35.66 -3.79 -3.15
C MET A 410 36.39 -5.12 -2.94
N PRO A 411 37.74 -5.20 -2.90
CA PRO A 411 38.35 -6.50 -2.56
C PRO A 411 37.98 -7.00 -1.18
N THR A 412 37.81 -6.10 -0.21
CA THR A 412 37.36 -6.51 1.12
C THR A 412 35.95 -7.07 1.07
N LEU A 413 35.07 -6.46 0.26
CA LEU A 413 33.72 -6.98 0.09
C LEU A 413 33.73 -8.35 -0.58
N ILE A 414 34.62 -8.54 -1.56
CA ILE A 414 34.74 -9.83 -2.22
C ILE A 414 35.21 -10.90 -1.23
N GLU A 415 36.18 -10.56 -0.37
CA GLU A 415 36.63 -11.48 0.66
C GLU A 415 35.53 -11.78 1.68
N LEU A 416 34.76 -10.76 2.05
CA LEU A 416 33.68 -10.96 3.02
C LEU A 416 32.49 -11.69 2.42
N MET A 417 32.40 -11.77 1.08
CA MET A 417 31.44 -12.66 0.46
C MET A 417 31.74 -14.12 0.80
N LYS A 418 33.01 -14.44 1.06
CA LYS A 418 33.42 -15.77 1.48
C LYS A 418 33.70 -15.84 2.98
N ASP A 419 33.10 -14.94 3.76
CA ASP A 419 33.31 -14.94 5.20
C ASP A 419 32.64 -16.16 5.83
N PRO A 420 33.25 -16.76 6.86
CA PRO A 420 32.61 -17.90 7.54
C PRO A 420 31.29 -17.56 8.19
N SER A 421 31.09 -16.33 8.64
CA SER A 421 29.84 -15.97 9.29
C SER A 421 28.72 -15.83 8.26
N VAL A 422 27.54 -16.36 8.61
CA VAL A 422 26.40 -16.28 7.72
C VAL A 422 25.85 -14.86 7.66
N VAL A 423 25.79 -14.18 8.81
CA VAL A 423 25.22 -12.83 8.87
C VAL A 423 26.13 -11.84 8.13
N VAL A 424 27.44 -12.03 8.24
CA VAL A 424 28.38 -11.17 7.52
C VAL A 424 28.23 -11.36 6.01
N ARG A 425 28.06 -12.61 5.57
CA ARG A 425 27.82 -12.87 4.15
C ARG A 425 26.51 -12.25 3.68
N ASP A 426 25.46 -12.34 4.49
CA ASP A 426 24.17 -11.75 4.14
C ASP A 426 24.26 -10.25 3.99
N THR A 427 24.91 -9.59 4.96
CA THR A 427 25.04 -8.15 4.90
C THR A 427 25.99 -7.71 3.78
N ALA A 428 27.00 -8.52 3.47
CA ALA A 428 27.89 -8.20 2.36
C ALA A 428 27.16 -8.30 1.03
N ALA A 429 26.32 -9.33 0.86
CA ALA A 429 25.52 -9.44 -0.35
C ALA A 429 24.52 -8.31 -0.46
N TRP A 430 23.93 -7.92 0.68
CA TRP A 430 23.02 -6.78 0.72
C TRP A 430 23.74 -5.50 0.32
N THR A 431 24.97 -5.31 0.81
CA THR A 431 25.76 -4.13 0.46
C THR A 431 26.13 -4.14 -1.02
N VAL A 432 26.48 -5.30 -1.57
CA VAL A 432 26.82 -5.39 -2.99
C VAL A 432 25.60 -5.09 -3.85
N GLY A 433 24.43 -5.59 -3.45
CA GLY A 433 23.20 -5.27 -4.17
C GLY A 433 22.86 -3.79 -4.11
N ARG A 434 23.07 -3.16 -2.95
CA ARG A 434 22.84 -1.73 -2.84
C ARG A 434 23.87 -0.93 -3.62
N ILE A 435 25.09 -1.45 -3.75
CA ILE A 435 26.10 -0.82 -4.60
C ILE A 435 25.66 -0.86 -6.06
N CYS A 436 25.17 -2.02 -6.51
CA CYS A 436 24.69 -2.15 -7.88
C CYS A 436 23.45 -1.30 -8.13
N GLU A 437 22.63 -1.08 -7.09
CA GLU A 437 21.47 -0.20 -7.23
C GLU A 437 21.89 1.27 -7.31
N LEU A 438 22.50 1.78 -6.25
CA LEU A 438 22.61 3.23 -6.06
C LEU A 438 23.78 3.82 -6.85
N LEU A 439 24.92 3.14 -6.86
CA LEU A 439 26.13 3.62 -7.54
C LEU A 439 26.55 2.56 -8.54
N PRO A 440 25.87 2.49 -9.69
CA PRO A 440 26.10 1.35 -10.60
C PRO A 440 27.46 1.38 -11.28
N GLU A 441 28.06 2.55 -11.47
CA GLU A 441 29.34 2.65 -12.16
C GLU A 441 30.48 2.01 -11.38
N ALA A 442 30.32 1.83 -10.07
CA ALA A 442 31.35 1.15 -9.28
C ALA A 442 31.33 -0.35 -9.55
N ALA A 443 30.15 -0.92 -9.78
CA ALA A 443 30.05 -2.36 -10.00
C ALA A 443 30.64 -2.76 -11.36
N ILE A 444 30.36 -1.98 -12.40
CA ILE A 444 30.94 -2.24 -13.72
C ILE A 444 32.25 -1.46 -13.77
N ASN A 445 33.30 -2.07 -13.23
CA ASN A 445 34.65 -1.53 -13.29
C ASN A 445 35.57 -2.64 -13.77
N ASP A 446 36.40 -2.32 -14.77
CA ASP A 446 37.22 -3.33 -15.43
C ASP A 446 38.27 -3.94 -14.52
N VAL A 447 38.62 -3.27 -13.41
CA VAL A 447 39.60 -3.83 -12.49
C VAL A 447 39.02 -5.01 -11.72
N TYR A 448 37.76 -4.91 -11.28
CA TYR A 448 37.21 -5.89 -10.36
C TYR A 448 35.90 -6.53 -10.81
N LEU A 449 35.50 -6.39 -12.07
CA LEU A 449 34.21 -6.96 -12.48
C LEU A 449 34.25 -8.47 -12.58
N ALA A 450 35.41 -9.04 -12.97
CA ALA A 450 35.47 -10.50 -13.12
C ALA A 450 35.49 -11.25 -11.78
N PRO A 451 36.29 -10.87 -10.77
CA PRO A 451 36.10 -11.51 -9.46
C PRO A 451 34.74 -11.25 -8.84
N LEU A 452 34.14 -10.08 -9.10
CA LEU A 452 32.79 -9.83 -8.62
C LEU A 452 31.78 -10.77 -9.24
N LEU A 453 31.89 -11.00 -10.56
CA LEU A 453 30.98 -11.93 -11.22
C LEU A 453 31.21 -13.35 -10.76
N GLN A 454 32.48 -13.73 -10.53
CA GLN A 454 32.76 -15.07 -10.01
C GLN A 454 32.18 -15.25 -8.62
N CYS A 455 32.30 -14.23 -7.76
CA CYS A 455 31.72 -14.30 -6.43
C CYS A 455 30.20 -14.35 -6.49
N LEU A 456 29.60 -13.64 -7.43
CA LEU A 456 28.14 -13.66 -7.57
C LEU A 456 27.65 -15.03 -8.03
N ILE A 457 28.31 -15.62 -9.03
CA ILE A 457 27.87 -16.92 -9.50
C ILE A 457 28.20 -18.03 -8.52
N GLU A 458 29.17 -17.82 -7.63
CA GLU A 458 29.35 -18.75 -6.52
C GLU A 458 28.30 -18.53 -5.44
N GLY A 459 27.88 -17.29 -5.22
CA GLY A 459 26.85 -17.01 -4.23
C GLY A 459 25.46 -17.41 -4.67
N LEU A 460 25.26 -17.65 -5.97
CA LEU A 460 24.01 -18.26 -6.41
C LEU A 460 23.85 -19.67 -5.85
N SER A 461 24.96 -20.34 -5.56
CA SER A 461 24.94 -21.65 -4.91
C SER A 461 24.96 -21.56 -3.40
N ALA A 462 24.92 -20.36 -2.83
CA ALA A 462 24.99 -20.17 -1.40
C ALA A 462 23.59 -20.28 -0.80
N GLU A 463 23.43 -19.85 0.46
CA GLU A 463 22.15 -19.91 1.14
C GLU A 463 21.12 -19.01 0.45
N PRO A 464 19.82 -19.36 0.54
CA PRO A 464 18.80 -18.57 -0.16
C PRO A 464 18.73 -17.12 0.27
N ARG A 465 19.02 -16.81 1.53
CA ARG A 465 19.04 -15.42 1.98
C ARG A 465 20.16 -14.65 1.27
N VAL A 466 21.31 -15.29 1.07
CA VAL A 466 22.37 -14.68 0.29
C VAL A 466 21.96 -14.59 -1.18
N ALA A 467 21.40 -15.67 -1.71
CA ALA A 467 21.13 -15.78 -3.15
C ALA A 467 20.03 -14.83 -3.60
N SER A 468 19.12 -14.44 -2.72
CA SER A 468 18.08 -13.47 -3.07
C SER A 468 18.71 -12.13 -3.44
N ASN A 469 19.56 -11.59 -2.57
CA ASN A 469 20.25 -10.35 -2.89
C ASN A 469 21.29 -10.54 -3.97
N VAL A 470 21.85 -11.76 -4.12
CA VAL A 470 22.78 -12.01 -5.22
C VAL A 470 22.07 -11.89 -6.57
N CYS A 471 20.89 -12.49 -6.70
CA CYS A 471 20.15 -12.40 -7.95
C CYS A 471 19.58 -11.00 -8.17
N TRP A 472 19.20 -10.30 -7.10
CA TRP A 472 18.78 -8.91 -7.22
C TRP A 472 19.93 -8.03 -7.71
N ALA A 473 21.14 -8.26 -7.19
CA ALA A 473 22.33 -7.57 -7.67
C ALA A 473 22.63 -7.93 -9.12
N PHE A 474 22.36 -9.19 -9.49
CA PHE A 474 22.55 -9.60 -10.88
C PHE A 474 21.62 -8.85 -11.82
N SER A 475 20.34 -8.71 -11.43
CA SER A 475 19.38 -7.98 -12.24
C SER A 475 19.74 -6.50 -12.35
N SER A 476 20.11 -5.88 -11.22
CA SER A 476 20.47 -4.47 -11.25
C SER A 476 21.77 -4.24 -12.02
N LEU A 477 22.71 -5.17 -11.92
CA LEU A 477 23.95 -5.06 -12.69
C LEU A 477 23.69 -5.26 -14.17
N ALA A 478 22.74 -6.13 -14.53
CA ALA A 478 22.36 -6.28 -15.93
C ALA A 478 21.74 -5.00 -16.46
N GLU A 479 20.87 -4.36 -15.67
CA GLU A 479 20.31 -3.07 -16.06
C GLU A 479 21.40 -2.01 -16.21
N ALA A 480 22.35 -2.00 -15.28
CA ALA A 480 23.44 -1.02 -15.32
C ALA A 480 24.32 -1.21 -16.54
N ALA A 481 24.65 -2.47 -16.87
CA ALA A 481 25.49 -2.74 -18.03
C ALA A 481 24.74 -2.48 -19.33
N TYR A 482 23.43 -2.72 -19.35
CA TYR A 482 22.63 -2.41 -20.52
C TYR A 482 22.56 -0.90 -20.75
N GLU A 483 22.40 -0.13 -19.68
CA GLU A 483 22.42 1.32 -19.81
C GLU A 483 23.82 1.83 -20.14
N ALA A 484 24.85 1.11 -19.72
CA ALA A 484 26.23 1.45 -20.08
C ALA A 484 26.64 0.89 -21.43
N ALA A 485 25.76 0.11 -22.07
CA ALA A 485 26.02 -0.39 -23.41
C ALA A 485 25.66 0.69 -24.44
N ASP A 486 25.56 0.29 -25.71
CA ASP A 486 25.30 1.18 -26.84
C ASP A 486 26.33 2.32 -26.89
N VAL A 487 27.58 1.90 -27.12
CA VAL A 487 28.71 2.83 -27.14
C VAL A 487 28.54 3.85 -28.26
N ALA A 488 28.45 3.36 -29.50
CA ALA A 488 28.00 4.19 -30.62
C ALA A 488 26.69 3.66 -31.18
N ASP A 489 26.70 2.43 -31.73
CA ASP A 489 25.54 1.68 -32.18
C ASP A 489 24.53 2.45 -33.02
N ASP A 490 23.78 3.36 -32.38
CA ASP A 490 22.62 4.03 -32.97
C ASP A 490 21.58 3.01 -33.45
N GLN A 491 21.41 1.94 -32.68
CA GLN A 491 20.47 0.87 -32.99
C GLN A 491 19.50 0.70 -31.83
N GLU A 492 18.55 -0.22 -31.99
CA GLU A 492 17.59 -0.51 -30.95
C GLU A 492 18.13 -1.44 -29.87
N GLU A 493 19.21 -2.16 -30.15
CA GLU A 493 19.83 -3.09 -29.22
C GLU A 493 21.34 -2.98 -29.32
N PRO A 494 22.06 -3.18 -28.21
CA PRO A 494 23.52 -3.19 -28.29
C PRO A 494 24.05 -4.43 -28.99
N ALA A 495 25.20 -4.28 -29.63
CA ALA A 495 25.87 -5.43 -30.23
C ALA A 495 26.43 -6.36 -29.16
N THR A 496 27.15 -5.78 -28.19
CA THR A 496 27.73 -6.54 -27.09
C THR A 496 27.97 -5.60 -25.93
N TYR A 497 28.17 -6.18 -24.75
CA TYR A 497 28.37 -5.38 -23.54
C TYR A 497 29.23 -6.20 -22.57
N CYS A 498 29.27 -5.73 -21.31
CA CYS A 498 30.27 -6.23 -20.36
C CYS A 498 29.99 -7.66 -19.94
N LEU A 499 28.72 -8.03 -19.78
CA LEU A 499 28.38 -9.37 -19.32
C LEU A 499 28.30 -10.39 -20.45
N SER A 500 28.61 -9.99 -21.68
CA SER A 500 28.54 -10.91 -22.82
C SER A 500 29.60 -12.02 -22.73
N SER A 501 30.69 -11.79 -22.00
CA SER A 501 31.72 -12.80 -21.87
C SER A 501 31.26 -14.00 -21.03
N SER A 502 30.25 -13.82 -20.18
CA SER A 502 29.76 -14.91 -19.35
C SER A 502 28.24 -14.96 -19.28
N PHE A 503 27.54 -14.40 -20.27
CA PHE A 503 26.08 -14.41 -20.28
C PHE A 503 25.52 -15.83 -20.28
N GLU A 504 26.13 -16.73 -21.04
CA GLU A 504 25.63 -18.11 -21.08
C GLU A 504 25.82 -18.80 -19.73
N LEU A 505 26.95 -18.55 -19.06
CA LEU A 505 27.16 -19.10 -17.73
C LEU A 505 26.19 -18.52 -16.73
N ILE A 506 25.89 -17.22 -16.85
CA ILE A 506 24.97 -16.56 -15.95
C ILE A 506 23.56 -17.13 -16.10
N VAL A 507 23.10 -17.29 -17.34
CA VAL A 507 21.75 -17.80 -17.54
C VAL A 507 21.66 -19.28 -17.18
N GLN A 508 22.74 -20.05 -17.40
CA GLN A 508 22.75 -21.44 -16.95
C GLN A 508 22.69 -21.54 -15.44
N LYS A 509 23.43 -20.68 -14.75
CA LYS A 509 23.41 -20.67 -13.29
C LYS A 509 22.06 -20.21 -12.75
N LEU A 510 21.41 -19.27 -13.43
CA LEU A 510 20.07 -18.85 -13.03
C LEU A 510 19.06 -19.97 -13.24
N LEU A 511 19.18 -20.71 -14.34
CA LEU A 511 18.29 -21.85 -14.58
C LEU A 511 18.50 -22.95 -13.54
N GLU A 512 19.75 -23.18 -13.14
CA GLU A 512 20.01 -24.13 -12.07
C GLU A 512 19.51 -23.61 -10.72
N THR A 513 19.56 -22.29 -10.51
CA THR A 513 19.04 -21.68 -9.29
C THR A 513 17.53 -21.84 -9.21
N THR A 514 16.84 -21.82 -10.36
CA THR A 514 15.41 -22.07 -10.39
C THR A 514 15.07 -23.46 -9.88
N ASP A 515 15.85 -24.47 -10.30
CA ASP A 515 15.60 -25.84 -9.90
C ASP A 515 16.15 -26.19 -8.52
N ARG A 516 16.51 -25.20 -7.72
CA ARG A 516 16.94 -25.47 -6.35
C ARG A 516 15.75 -25.93 -5.51
N PRO A 517 15.86 -27.06 -4.80
CA PRO A 517 14.74 -27.51 -3.96
C PRO A 517 14.42 -26.58 -2.81
N ASP A 518 15.37 -25.75 -2.37
CA ASP A 518 15.13 -24.76 -1.33
C ASP A 518 14.75 -23.40 -1.90
N GLY A 519 14.27 -23.36 -3.15
CA GLY A 519 13.84 -22.11 -3.75
C GLY A 519 12.56 -21.56 -3.18
N HIS A 520 11.80 -22.38 -2.44
CA HIS A 520 10.60 -21.91 -1.78
C HIS A 520 10.91 -20.93 -0.65
N GLN A 521 12.06 -21.10 0.00
CA GLN A 521 12.45 -20.22 1.10
C GLN A 521 12.94 -18.88 0.57
N ASN A 522 12.52 -17.81 1.26
CA ASN A 522 12.93 -16.43 0.97
C ASN A 522 12.60 -16.03 -0.47
N ASN A 523 11.47 -16.55 -0.97
CA ASN A 523 10.97 -16.38 -2.35
C ASN A 523 12.08 -16.48 -3.39
N LEU A 524 12.94 -17.49 -3.23
CA LEU A 524 14.15 -17.60 -4.04
C LEU A 524 13.80 -17.93 -5.50
N ARG A 525 12.83 -18.81 -5.72
CA ARG A 525 12.44 -19.16 -7.08
C ARG A 525 11.84 -17.97 -7.81
N SER A 526 10.96 -17.21 -7.13
CA SER A 526 10.37 -16.03 -7.74
C SER A 526 11.43 -14.96 -8.02
N SER A 527 12.38 -14.79 -7.09
CA SER A 527 13.44 -13.81 -7.29
C SER A 527 14.36 -14.21 -8.43
N ALA A 528 14.65 -15.51 -8.55
CA ALA A 528 15.48 -15.99 -9.66
C ALA A 528 14.78 -15.84 -10.99
N TYR A 529 13.47 -16.10 -11.04
CA TYR A 529 12.71 -15.88 -12.27
C TYR A 529 12.67 -14.41 -12.64
N GLU A 530 12.51 -13.53 -11.65
CA GLU A 530 12.53 -12.10 -11.91
C GLU A 530 13.89 -11.65 -12.44
N SER A 531 14.97 -12.19 -11.85
CA SER A 531 16.31 -11.86 -12.33
C SER A 531 16.55 -12.37 -13.75
N LEU A 532 16.05 -13.57 -14.06
CA LEU A 532 16.19 -14.13 -15.41
C LEU A 532 15.42 -13.30 -16.42
N MET A 533 14.20 -12.88 -16.07
CA MET A 533 13.42 -12.04 -16.97
C MET A 533 14.08 -10.67 -17.16
N GLU A 534 14.66 -10.12 -16.09
CA GLU A 534 15.29 -8.82 -16.22
C GLU A 534 16.58 -8.89 -17.02
N ILE A 535 17.33 -9.98 -16.92
CA ILE A 535 18.57 -10.07 -17.68
C ILE A 535 18.31 -10.47 -19.13
N VAL A 536 17.22 -11.20 -19.40
CA VAL A 536 16.89 -11.50 -20.78
C VAL A 536 16.20 -10.31 -21.45
N LYS A 537 15.58 -9.42 -20.66
CA LYS A 537 15.07 -8.18 -21.21
C LYS A 537 16.21 -7.22 -21.53
N ASN A 538 17.20 -7.14 -20.64
CA ASN A 538 18.38 -6.31 -20.84
C ASN A 538 19.52 -7.20 -21.32
N SER A 539 19.47 -7.57 -22.59
CA SER A 539 20.50 -8.41 -23.20
C SER A 539 20.81 -7.91 -24.60
N ALA A 540 22.03 -8.18 -25.05
CA ALA A 540 22.48 -7.76 -26.37
C ALA A 540 22.18 -8.82 -27.41
N LYS A 541 22.37 -8.45 -28.69
CA LYS A 541 22.03 -9.33 -29.78
C LYS A 541 23.07 -10.42 -30.04
N ASP A 542 24.27 -10.30 -29.48
CA ASP A 542 25.26 -11.35 -29.62
C ASP A 542 25.01 -12.53 -28.67
N CYS A 543 24.16 -12.34 -27.66
CA CYS A 543 23.76 -13.40 -26.76
C CYS A 543 22.48 -14.08 -27.20
N TYR A 544 22.02 -13.79 -28.42
CA TYR A 544 20.75 -14.31 -28.92
C TYR A 544 20.64 -15.84 -28.97
N PRO A 545 21.66 -16.63 -29.37
CA PRO A 545 21.51 -18.09 -29.26
C PRO A 545 21.28 -18.59 -27.84
N ALA A 546 21.89 -17.93 -26.85
CA ALA A 546 21.59 -18.27 -25.46
C ALA A 546 20.15 -17.95 -25.11
N VAL A 547 19.62 -16.85 -25.65
CA VAL A 547 18.21 -16.50 -25.45
C VAL A 547 17.31 -17.54 -26.06
N GLN A 548 17.64 -18.03 -27.27
CA GLN A 548 16.85 -19.06 -27.92
C GLN A 548 16.89 -20.37 -27.14
N LYS A 549 18.07 -20.74 -26.62
CA LYS A 549 18.17 -21.95 -25.81
C LYS A 549 17.36 -21.81 -24.52
N THR A 550 17.41 -20.63 -23.90
CA THR A 550 16.60 -20.38 -22.69
C THR A 550 15.12 -20.47 -22.99
N THR A 551 14.70 -19.93 -24.14
CA THR A 551 13.29 -20.01 -24.55
C THR A 551 12.87 -21.45 -24.78
N LEU A 552 13.75 -22.25 -25.39
CA LEU A 552 13.46 -23.67 -25.58
C LEU A 552 13.35 -24.40 -24.25
N VAL A 553 14.22 -24.06 -23.28
CA VAL A 553 14.16 -24.67 -21.96
C VAL A 553 12.86 -24.30 -21.26
N ILE A 554 12.46 -23.04 -21.36
CA ILE A 554 11.20 -22.59 -20.75
C ILE A 554 10.01 -23.27 -21.40
N MET A 555 10.05 -23.43 -22.73
CA MET A 555 8.98 -24.14 -23.43
C MET A 555 8.90 -25.60 -23.00
N GLU A 556 10.05 -26.26 -22.84
CA GLU A 556 10.05 -27.65 -22.38
C GLU A 556 9.54 -27.77 -20.95
N ARG A 557 9.88 -26.80 -20.09
CA ARG A 557 9.36 -26.81 -18.73
C ARG A 557 7.84 -26.59 -18.73
N LEU A 558 7.34 -25.70 -19.59
CA LEU A 558 5.90 -25.49 -19.70
C LEU A 558 5.21 -26.75 -20.22
N GLN A 559 5.84 -27.47 -21.14
CA GLN A 559 5.27 -28.73 -21.62
C GLN A 559 5.27 -29.78 -20.51
N GLN A 560 6.30 -29.81 -19.67
CA GLN A 560 6.29 -30.69 -18.52
C GLN A 560 5.17 -30.33 -17.55
N VAL A 561 4.90 -29.04 -17.39
CA VAL A 561 3.76 -28.59 -16.60
C VAL A 561 2.44 -29.03 -17.25
N LEU A 562 2.40 -29.02 -18.60
CA LEU A 562 1.22 -29.52 -19.31
C LEU A 562 1.00 -31.00 -19.04
N GLN A 563 2.06 -31.78 -18.96
CA GLN A 563 1.94 -33.23 -18.86
C GLN A 563 1.68 -33.73 -17.44
N MET A 564 1.57 -32.84 -16.46
CA MET A 564 1.33 -33.24 -15.07
C MET A 564 -0.04 -32.79 -14.56
N GLU A 565 -1.04 -32.70 -15.45
CA GLU A 565 -2.40 -32.38 -15.01
C GLU A 565 -2.97 -33.47 -14.12
N SER A 566 -2.71 -34.74 -14.46
CA SER A 566 -3.14 -35.85 -13.62
C SER A 566 -2.27 -36.02 -12.39
N HIS A 567 -1.13 -35.33 -12.33
CA HIS A 567 -0.25 -35.39 -11.17
C HIS A 567 -0.75 -34.52 -10.01
N ILE A 568 -1.83 -33.78 -10.21
CA ILE A 568 -2.42 -32.98 -9.14
C ILE A 568 -3.00 -33.91 -8.09
N GLN A 569 -2.40 -33.89 -6.90
CA GLN A 569 -2.86 -34.74 -5.79
C GLN A 569 -3.33 -33.93 -4.59
N SER A 570 -2.52 -33.02 -4.10
CA SER A 570 -2.83 -32.22 -2.92
C SER A 570 -3.03 -30.76 -3.31
N THR A 571 -3.61 -30.00 -2.37
CA THR A 571 -3.84 -28.58 -2.61
C THR A 571 -2.52 -27.80 -2.63
N SER A 572 -1.66 -28.03 -1.65
CA SER A 572 -0.37 -27.36 -1.64
C SER A 572 0.68 -28.14 -2.42
N ASP A 573 0.30 -28.61 -3.59
CA ASP A 573 1.11 -28.99 -4.75
C ASP A 573 0.53 -28.38 -6.01
N ARG A 574 -0.80 -28.35 -6.13
CA ARG A 574 -1.41 -27.71 -7.29
C ARG A 574 -1.36 -26.20 -7.21
N ILE A 575 -1.29 -25.63 -6.00
CA ILE A 575 -1.11 -24.18 -5.94
C ILE A 575 0.32 -23.80 -6.33
N GLN A 576 1.30 -24.64 -6.01
CA GLN A 576 2.65 -24.43 -6.51
C GLN A 576 2.71 -24.66 -8.01
N PHE A 577 1.89 -25.58 -8.52
CA PHE A 577 1.76 -25.76 -9.96
C PHE A 577 1.18 -24.51 -10.63
N ASN A 578 0.20 -23.88 -9.99
CA ASN A 578 -0.35 -22.62 -10.50
C ASN A 578 0.68 -21.50 -10.45
N ASP A 579 1.47 -21.45 -9.37
CA ASP A 579 2.54 -20.45 -9.28
C ASP A 579 3.59 -20.66 -10.36
N LEU A 580 3.94 -21.92 -10.62
CA LEU A 580 4.86 -22.24 -11.71
C LEU A 580 4.27 -21.84 -13.05
N GLN A 581 2.96 -22.05 -13.23
CA GLN A 581 2.27 -21.59 -14.45
C GLN A 581 2.42 -20.09 -14.63
N SER A 582 2.16 -19.33 -13.57
CA SER A 582 2.25 -17.87 -13.65
C SER A 582 3.68 -17.41 -13.92
N LEU A 583 4.66 -18.01 -13.23
CA LEU A 583 6.04 -17.63 -13.43
C LEU A 583 6.53 -17.98 -14.82
N LEU A 584 6.17 -19.16 -15.34
CA LEU A 584 6.60 -19.57 -16.66
C LEU A 584 5.92 -18.75 -17.75
N CYS A 585 4.66 -18.39 -17.54
CA CYS A 585 3.98 -17.54 -18.51
C CYS A 585 4.56 -16.13 -18.54
N ALA A 586 4.90 -15.58 -17.36
CA ALA A 586 5.56 -14.28 -17.32
C ALA A 586 6.95 -14.36 -17.96
N THR A 587 7.65 -15.48 -17.74
CA THR A 587 8.95 -15.68 -18.39
C THR A 587 8.81 -15.74 -19.90
N LEU A 588 7.77 -16.42 -20.40
CA LEU A 588 7.52 -16.46 -21.83
C LEU A 588 7.20 -15.08 -22.37
N GLN A 589 6.42 -14.29 -21.63
CA GLN A 589 6.12 -12.92 -22.03
C GLN A 589 7.39 -12.08 -22.10
N ASN A 590 8.33 -12.30 -21.18
CA ASN A 590 9.56 -11.52 -21.19
C ASN A 590 10.53 -11.98 -22.28
N VAL A 591 10.59 -13.28 -22.57
CA VAL A 591 11.59 -13.75 -23.54
C VAL A 591 11.08 -13.62 -24.97
N LEU A 592 9.75 -13.65 -25.19
CA LEU A 592 9.24 -13.58 -26.54
C LEU A 592 9.34 -12.19 -27.15
N ARG A 593 9.45 -11.15 -26.32
CA ARG A 593 9.65 -9.81 -26.84
C ARG A 593 11.06 -9.58 -27.36
N LYS A 594 11.99 -10.50 -27.08
CA LYS A 594 13.37 -10.35 -27.52
C LYS A 594 13.73 -11.26 -28.69
N VAL A 595 12.95 -12.30 -28.95
CA VAL A 595 13.27 -13.23 -30.03
C VAL A 595 12.86 -12.63 -31.36
N GLN A 596 13.46 -13.15 -32.43
CA GLN A 596 13.16 -12.68 -33.78
C GLN A 596 11.86 -13.30 -34.28
N HIS A 597 11.31 -12.72 -35.34
CA HIS A 597 10.05 -13.16 -35.89
C HIS A 597 10.16 -14.55 -36.51
N GLN A 598 11.18 -14.75 -37.36
CA GLN A 598 11.34 -16.00 -38.08
C GLN A 598 11.63 -17.16 -37.12
N ASP A 599 12.44 -16.92 -36.10
CA ASP A 599 12.77 -17.96 -35.14
C ASP A 599 11.58 -18.30 -34.25
N ALA A 600 10.75 -17.30 -33.93
CA ALA A 600 9.56 -17.56 -33.14
C ALA A 600 8.43 -18.15 -33.96
N LEU A 601 8.53 -18.10 -35.29
CA LEU A 601 7.50 -18.70 -36.14
C LEU A 601 7.40 -20.21 -35.94
N GLN A 602 8.54 -20.88 -35.81
CA GLN A 602 8.51 -22.32 -35.61
C GLN A 602 8.01 -22.70 -34.22
N ILE A 603 8.33 -21.90 -33.21
CA ILE A 603 7.93 -22.21 -31.84
C ILE A 603 6.52 -21.74 -31.52
N SER A 604 5.93 -20.88 -32.36
CA SER A 604 4.61 -20.35 -32.10
C SER A 604 3.53 -21.43 -32.16
N ASP A 605 3.70 -22.43 -33.03
CA ASP A 605 2.73 -23.52 -33.10
C ASP A 605 2.69 -24.31 -31.80
N VAL A 606 3.87 -24.62 -31.25
CA VAL A 606 3.94 -25.38 -30.00
C VAL A 606 3.46 -24.53 -28.84
N VAL A 607 3.77 -23.23 -28.86
CA VAL A 607 3.30 -22.33 -27.81
C VAL A 607 1.78 -22.23 -27.82
N MET A 608 1.19 -22.12 -29.01
CA MET A 608 -0.26 -22.05 -29.11
C MET A 608 -0.91 -23.37 -28.73
N ALA A 609 -0.26 -24.50 -29.05
CA ALA A 609 -0.77 -25.79 -28.60
C ALA A 609 -0.76 -25.89 -27.08
N SER A 610 0.32 -25.42 -26.45
CA SER A 610 0.40 -25.42 -24.98
C SER A 610 -0.67 -24.53 -24.36
N LEU A 611 -0.86 -23.34 -24.92
CA LEU A 611 -1.85 -22.41 -24.38
C LEU A 611 -3.27 -22.93 -24.59
N LEU A 612 -3.52 -23.59 -25.73
CA LEU A 612 -4.83 -24.20 -25.95
C LEU A 612 -5.07 -25.36 -25.01
N ARG A 613 -4.04 -26.14 -24.69
CA ARG A 613 -4.19 -27.21 -23.71
C ARG A 613 -4.49 -26.65 -22.33
N MET A 614 -3.80 -25.56 -21.95
CA MET A 614 -4.08 -24.92 -20.66
C MET A 614 -5.47 -24.30 -20.63
N PHE A 615 -5.95 -23.79 -21.77
CA PHE A 615 -7.30 -23.24 -21.83
C PHE A 615 -8.34 -24.34 -21.75
N GLN A 616 -8.06 -25.50 -22.36
CA GLN A 616 -8.96 -26.64 -22.22
C GLN A 616 -8.99 -27.15 -20.79
N SER A 617 -7.84 -27.11 -20.10
CA SER A 617 -7.82 -27.45 -18.69
C SER A 617 -8.53 -26.42 -17.82
N THR A 618 -8.65 -25.18 -18.29
CA THR A 618 -9.31 -24.11 -17.55
C THR A 618 -10.53 -23.58 -18.29
N ALA A 619 -11.21 -24.47 -19.03
CA ALA A 619 -12.38 -24.05 -19.81
C ALA A 619 -13.55 -23.66 -18.89
N GLY A 620 -13.75 -24.40 -17.81
CA GLY A 620 -14.82 -24.10 -16.89
C GLY A 620 -14.56 -22.85 -16.07
N SER A 621 -15.29 -21.77 -16.39
CA SER A 621 -15.20 -20.47 -15.72
C SER A 621 -13.78 -19.93 -15.72
N GLY A 622 -13.11 -20.01 -14.57
CA GLY A 622 -11.78 -19.45 -14.40
C GLY A 622 -10.67 -20.47 -14.25
N GLY A 623 -10.25 -20.69 -13.01
CA GLY A 623 -9.08 -21.49 -12.70
C GLY A 623 -7.84 -20.64 -12.59
N VAL A 624 -7.25 -20.23 -13.71
CA VAL A 624 -6.28 -19.15 -13.70
C VAL A 624 -6.71 -18.09 -14.71
N GLN A 625 -6.66 -18.45 -16.00
CA GLN A 625 -7.12 -17.65 -17.15
C GLN A 625 -6.63 -16.19 -17.13
N GLU A 626 -5.49 -15.91 -16.51
CA GLU A 626 -4.96 -14.56 -16.43
C GLU A 626 -3.60 -14.42 -17.09
N ASP A 627 -2.64 -15.25 -16.67
CA ASP A 627 -1.31 -15.20 -17.28
C ASP A 627 -1.33 -15.74 -18.71
N ALA A 628 -2.19 -16.72 -18.98
CA ALA A 628 -2.28 -17.28 -20.33
C ALA A 628 -2.82 -16.26 -21.32
N LEU A 629 -3.73 -15.38 -20.89
CA LEU A 629 -4.26 -14.37 -21.79
C LEU A 629 -3.18 -13.39 -22.24
N MET A 630 -2.35 -12.92 -21.30
CA MET A 630 -1.27 -12.01 -21.70
C MET A 630 -0.16 -12.75 -22.42
N ALA A 631 -0.01 -14.06 -22.17
CA ALA A 631 0.90 -14.86 -23.00
C ALA A 631 0.42 -14.92 -24.44
N VAL A 632 -0.88 -15.11 -24.64
CA VAL A 632 -1.45 -15.07 -25.99
C VAL A 632 -1.29 -13.69 -26.60
N SER A 633 -1.43 -12.64 -25.78
CA SER A 633 -1.25 -11.28 -26.26
C SER A 633 0.18 -11.03 -26.75
N THR A 634 1.17 -11.52 -25.98
CA THR A 634 2.56 -11.39 -26.40
C THR A 634 2.83 -12.21 -27.67
N LEU A 635 2.24 -13.39 -27.78
CA LEU A 635 2.38 -14.19 -28.99
C LEU A 635 1.76 -13.48 -30.19
N VAL A 636 0.63 -12.79 -29.98
CA VAL A 636 0.00 -12.01 -31.03
C VAL A 636 0.90 -10.86 -31.46
N GLU A 637 1.48 -10.15 -30.49
CA GLU A 637 2.40 -9.07 -30.80
C GLU A 637 3.65 -9.56 -31.53
N VAL A 638 4.09 -10.78 -31.23
CA VAL A 638 5.20 -11.37 -31.95
C VAL A 638 4.81 -11.70 -33.39
N LEU A 639 3.66 -12.35 -33.57
CA LEU A 639 3.30 -12.88 -34.89
C LEU A 639 2.77 -11.78 -35.80
N GLY A 640 1.67 -11.15 -35.44
CA GLY A 640 1.06 -10.13 -36.29
C GLY A 640 -0.12 -10.69 -37.06
N GLY A 641 -0.10 -10.48 -38.38
CA GLY A 641 -1.23 -10.87 -39.21
C GLY A 641 -1.34 -12.36 -39.49
N GLU A 642 -0.34 -13.15 -39.10
CA GLU A 642 -0.36 -14.59 -39.32
C GLU A 642 -1.01 -15.35 -38.18
N PHE A 643 -1.54 -14.65 -37.17
CA PHE A 643 -2.22 -15.29 -36.05
C PHE A 643 -3.61 -15.81 -36.42
N LEU A 644 -4.13 -15.45 -37.59
CA LEU A 644 -5.51 -15.76 -37.95
C LEU A 644 -5.77 -17.26 -38.10
N LYS A 645 -4.72 -18.08 -38.20
CA LYS A 645 -4.89 -19.52 -38.30
C LYS A 645 -5.51 -20.10 -37.02
N TYR A 646 -5.08 -19.61 -35.85
CA TYR A 646 -5.55 -20.14 -34.58
C TYR A 646 -6.75 -19.38 -34.03
N MET A 647 -7.26 -18.38 -34.77
CA MET A 647 -8.34 -17.54 -34.25
C MET A 647 -9.63 -18.34 -34.11
N GLU A 648 -9.88 -19.28 -35.03
CA GLU A 648 -11.08 -20.11 -34.96
C GLU A 648 -11.09 -20.97 -33.70
N ALA A 649 -9.94 -21.54 -33.34
CA ALA A 649 -9.86 -22.31 -32.10
C ALA A 649 -9.85 -21.39 -30.88
N PHE A 650 -9.38 -20.15 -31.04
CA PHE A 650 -9.29 -19.24 -29.91
C PHE A 650 -10.62 -18.52 -29.61
N LYS A 651 -11.57 -18.56 -30.53
CA LYS A 651 -12.86 -17.88 -30.33
C LYS A 651 -13.62 -18.28 -29.07
N PRO A 652 -13.82 -19.57 -28.71
CA PRO A 652 -14.64 -19.85 -27.53
C PRO A 652 -13.99 -19.47 -26.21
N PHE A 653 -12.67 -19.58 -26.09
CA PHE A 653 -12.02 -19.19 -24.85
C PHE A 653 -12.06 -17.67 -24.65
N LEU A 654 -11.88 -16.91 -25.73
CA LEU A 654 -12.04 -15.46 -25.65
C LEU A 654 -13.48 -15.09 -25.32
N GLY A 655 -14.44 -15.83 -25.89
CA GLY A 655 -15.84 -15.60 -25.55
C GLY A 655 -16.14 -15.87 -24.08
N ILE A 656 -15.56 -16.95 -23.53
CA ILE A 656 -15.73 -17.24 -22.10
C ILE A 656 -15.10 -16.15 -21.25
N GLY A 657 -13.91 -15.70 -21.63
CA GLY A 657 -13.24 -14.64 -20.87
C GLY A 657 -14.00 -13.32 -20.89
N LEU A 658 -14.65 -13.02 -22.01
CA LEU A 658 -15.48 -11.82 -22.06
C LEU A 658 -16.80 -12.00 -21.33
N LYS A 659 -17.38 -13.20 -21.36
CA LYS A 659 -18.65 -13.46 -20.69
C LYS A 659 -18.52 -13.59 -19.17
N ASN A 660 -17.31 -13.84 -18.67
CA ASN A 660 -17.17 -14.15 -17.25
C ASN A 660 -17.38 -12.92 -16.38
N TYR A 661 -16.51 -11.92 -16.53
CA TYR A 661 -16.51 -10.60 -15.87
C TYR A 661 -16.54 -10.67 -14.35
N ALA A 662 -16.35 -11.84 -13.73
CA ALA A 662 -16.34 -11.94 -12.29
C ALA A 662 -15.01 -11.54 -11.69
N GLU A 663 -13.95 -11.43 -12.49
CA GLU A 663 -12.65 -10.95 -12.04
C GLU A 663 -12.25 -9.77 -12.91
N TYR A 664 -11.82 -8.69 -12.27
CA TYR A 664 -11.46 -7.49 -13.01
C TYR A 664 -10.17 -7.68 -13.79
N GLN A 665 -9.21 -8.41 -13.21
CA GLN A 665 -7.93 -8.64 -13.90
C GLN A 665 -8.11 -9.51 -15.13
N VAL A 666 -8.92 -10.56 -15.03
CA VAL A 666 -9.14 -11.46 -16.15
C VAL A 666 -9.88 -10.76 -17.27
N CYS A 667 -10.90 -9.97 -16.92
CA CYS A 667 -11.64 -9.22 -17.93
C CYS A 667 -10.76 -8.16 -18.58
N LEU A 668 -9.89 -7.50 -17.80
CA LEU A 668 -8.96 -6.53 -18.36
C LEU A 668 -7.97 -7.20 -19.30
N ALA A 669 -7.47 -8.38 -18.94
CA ALA A 669 -6.54 -9.10 -19.80
C ALA A 669 -7.21 -9.55 -21.10
N ALA A 670 -8.46 -10.02 -21.01
CA ALA A 670 -9.19 -10.41 -22.21
C ALA A 670 -9.48 -9.20 -23.10
N VAL A 671 -9.78 -8.05 -22.47
CA VAL A 671 -10.02 -6.83 -23.23
C VAL A 671 -8.76 -6.39 -23.96
N GLY A 672 -7.61 -6.42 -23.26
CA GLY A 672 -6.35 -6.11 -23.92
C GLY A 672 -5.99 -7.10 -25.01
N LEU A 673 -6.34 -8.37 -24.82
CA LEU A 673 -6.16 -9.36 -25.88
C LEU A 673 -7.01 -9.04 -27.09
N VAL A 674 -8.24 -8.59 -26.88
CA VAL A 674 -9.11 -8.20 -27.98
C VAL A 674 -8.52 -7.01 -28.72
N GLY A 675 -8.01 -6.02 -27.99
CA GLY A 675 -7.37 -4.88 -28.63
C GLY A 675 -6.14 -5.25 -29.43
N ASP A 676 -5.29 -6.11 -28.87
CA ASP A 676 -4.09 -6.56 -29.59
C ASP A 676 -4.46 -7.39 -30.82
N LEU A 677 -5.50 -8.21 -30.70
CA LEU A 677 -5.99 -8.97 -31.85
C LEU A 677 -6.48 -8.04 -32.96
N CYS A 678 -7.20 -6.99 -32.59
CA CYS A 678 -7.65 -6.01 -33.58
C CYS A 678 -6.47 -5.32 -34.25
N ARG A 679 -5.47 -4.90 -33.45
CA ARG A 679 -4.30 -4.24 -34.01
C ARG A 679 -3.53 -5.15 -34.95
N ALA A 680 -3.43 -6.44 -34.61
CA ALA A 680 -2.70 -7.37 -35.46
C ALA A 680 -3.48 -7.78 -36.70
N LEU A 681 -4.80 -7.85 -36.62
CA LEU A 681 -5.58 -8.46 -37.69
C LEU A 681 -6.25 -7.46 -38.63
N GLN A 682 -6.39 -6.19 -38.23
CA GLN A 682 -7.00 -5.13 -39.04
C GLN A 682 -8.43 -5.54 -39.38
N SER A 683 -8.77 -5.76 -40.65
CA SER A 683 -10.13 -6.10 -41.05
C SER A 683 -10.41 -7.60 -41.02
N ASN A 684 -9.49 -8.41 -40.53
CA ASN A 684 -9.69 -9.86 -40.49
C ASN A 684 -10.43 -10.33 -39.24
N ILE A 685 -10.76 -9.42 -38.32
CA ILE A 685 -11.49 -9.76 -37.11
C ILE A 685 -12.99 -9.50 -37.26
N ILE A 686 -13.43 -9.11 -38.46
CA ILE A 686 -14.86 -8.81 -38.68
C ILE A 686 -15.79 -10.00 -38.42
N PRO A 687 -15.51 -11.24 -38.85
CA PRO A 687 -16.43 -12.34 -38.49
C PRO A 687 -16.59 -12.59 -37.00
N PHE A 688 -15.56 -12.34 -36.20
CA PHE A 688 -15.70 -12.43 -34.75
C PHE A 688 -16.11 -11.11 -34.12
N CYS A 689 -16.15 -10.03 -34.90
CA CYS A 689 -16.42 -8.70 -34.37
C CYS A 689 -17.85 -8.58 -33.85
N ASP A 690 -18.80 -9.19 -34.55
CA ASP A 690 -20.20 -9.14 -34.11
C ASP A 690 -20.37 -9.84 -32.76
N GLU A 691 -19.75 -10.99 -32.59
CA GLU A 691 -19.86 -11.73 -31.34
C GLU A 691 -19.18 -10.99 -30.20
N VAL A 692 -17.97 -10.48 -30.42
CA VAL A 692 -17.29 -9.79 -29.33
C VAL A 692 -17.97 -8.46 -29.02
N MET A 693 -18.59 -7.82 -30.02
CA MET A 693 -19.32 -6.58 -29.76
C MET A 693 -20.60 -6.87 -29.00
N GLN A 694 -21.27 -7.98 -29.29
CA GLN A 694 -22.43 -8.39 -28.51
C GLN A 694 -22.05 -8.67 -27.06
N LEU A 695 -20.91 -9.33 -26.84
CA LEU A 695 -20.46 -9.58 -25.47
C LEU A 695 -20.09 -8.27 -24.75
N LEU A 696 -19.47 -7.33 -25.46
CA LEU A 696 -19.13 -6.05 -24.86
C LEU A 696 -20.39 -5.24 -24.55
N LEU A 697 -21.40 -5.32 -25.41
CA LEU A 697 -22.68 -4.66 -25.14
C LEU A 697 -23.37 -5.27 -23.92
N GLU A 698 -23.29 -6.60 -23.80
CA GLU A 698 -23.86 -7.27 -22.62
C GLU A 698 -23.13 -6.88 -21.35
N ASN A 699 -21.81 -6.73 -21.42
CA ASN A 699 -21.02 -6.32 -20.26
C ASN A 699 -20.93 -4.81 -20.11
N LEU A 700 -21.62 -4.04 -20.96
CA LEU A 700 -21.47 -2.60 -20.95
C LEU A 700 -22.15 -1.97 -19.73
N GLY A 701 -23.46 -2.19 -19.58
CA GLY A 701 -24.17 -1.59 -18.46
C GLY A 701 -23.77 -2.20 -17.13
N ASN A 702 -24.22 -3.45 -16.90
CA ASN A 702 -23.63 -4.44 -15.98
C ASN A 702 -23.13 -3.83 -14.67
N GLU A 703 -24.08 -3.34 -13.87
CA GLU A 703 -23.78 -2.45 -12.75
C GLU A 703 -22.88 -3.08 -11.68
N ASN A 704 -22.79 -4.41 -11.63
CA ASN A 704 -21.88 -5.08 -10.71
C ASN A 704 -20.54 -5.40 -11.39
N VAL A 705 -19.87 -4.34 -11.83
CA VAL A 705 -18.60 -4.43 -12.53
C VAL A 705 -17.61 -3.47 -11.89
N HIS A 706 -16.37 -3.94 -11.70
CA HIS A 706 -15.32 -3.13 -11.08
C HIS A 706 -15.04 -1.87 -11.91
N ARG A 707 -14.61 -0.81 -11.20
CA ARG A 707 -14.50 0.51 -11.81
C ARG A 707 -13.46 0.55 -12.92
N SER A 708 -12.37 -0.21 -12.78
CA SER A 708 -11.31 -0.18 -13.78
C SER A 708 -11.66 -0.92 -15.06
N VAL A 709 -12.72 -1.75 -15.05
CA VAL A 709 -13.05 -2.56 -16.22
C VAL A 709 -13.60 -1.69 -17.34
N LYS A 710 -14.50 -0.76 -17.00
CA LYS A 710 -15.20 0.04 -18.01
C LYS A 710 -14.29 0.89 -18.90
N PRO A 711 -13.28 1.63 -18.39
CA PRO A 711 -12.41 2.38 -19.32
C PRO A 711 -11.66 1.50 -20.32
N GLN A 712 -11.28 0.29 -19.92
CA GLN A 712 -10.66 -0.63 -20.87
C GLN A 712 -11.63 -1.05 -21.96
N ILE A 713 -12.91 -1.23 -21.59
CA ILE A 713 -13.95 -1.57 -22.57
C ILE A 713 -14.14 -0.43 -23.55
N LEU A 714 -14.13 0.81 -23.07
CA LEU A 714 -14.24 1.96 -23.98
C LEU A 714 -13.01 2.08 -24.87
N SER A 715 -11.82 1.80 -24.31
CA SER A 715 -10.59 1.84 -25.09
C SER A 715 -10.62 0.84 -26.23
N VAL A 716 -11.10 -0.38 -25.96
CA VAL A 716 -11.18 -1.33 -27.06
C VAL A 716 -12.40 -1.10 -27.95
N PHE A 717 -13.40 -0.35 -27.49
CA PHE A 717 -14.41 0.15 -28.43
C PHE A 717 -13.75 1.03 -29.49
N GLY A 718 -12.91 1.97 -29.04
CA GLY A 718 -12.15 2.79 -29.97
C GLY A 718 -11.21 1.97 -30.83
N ASP A 719 -10.57 0.96 -30.24
CA ASP A 719 -9.65 0.10 -30.99
C ASP A 719 -10.37 -0.71 -32.07
N ILE A 720 -11.53 -1.28 -31.73
CA ILE A 720 -12.32 -2.04 -32.71
C ILE A 720 -12.78 -1.14 -33.84
N ALA A 721 -13.26 0.07 -33.49
CA ALA A 721 -13.72 1.01 -34.51
C ALA A 721 -12.58 1.41 -35.44
N LEU A 722 -11.40 1.73 -34.88
CA LEU A 722 -10.25 2.10 -35.69
C LEU A 722 -9.76 0.93 -36.55
N ALA A 723 -9.88 -0.30 -36.03
CA ALA A 723 -9.41 -1.46 -36.78
C ALA A 723 -10.33 -1.77 -37.95
N ILE A 724 -11.65 -1.72 -37.74
CA ILE A 724 -12.58 -2.18 -38.77
C ILE A 724 -13.10 -1.05 -39.64
N GLY A 725 -12.75 0.21 -39.34
CA GLY A 725 -13.10 1.29 -40.24
C GLY A 725 -14.58 1.63 -40.27
N GLY A 726 -15.18 1.52 -41.45
CA GLY A 726 -16.59 1.83 -41.65
C GLY A 726 -17.56 0.72 -41.34
N GLU A 727 -17.09 -0.43 -40.88
CA GLU A 727 -17.97 -1.55 -40.57
C GLU A 727 -18.63 -1.40 -39.20
N PHE A 728 -18.24 -0.39 -38.41
CA PHE A 728 -18.77 -0.21 -37.08
C PHE A 728 -20.21 0.33 -37.07
N LYS A 729 -20.73 0.75 -38.22
CA LYS A 729 -22.03 1.40 -38.30
C LYS A 729 -23.20 0.50 -37.91
N LYS A 730 -22.97 -0.82 -37.83
CA LYS A 730 -24.03 -1.72 -37.37
C LYS A 730 -24.41 -1.47 -35.92
N TYR A 731 -23.41 -1.22 -35.07
CA TYR A 731 -23.63 -0.97 -33.64
C TYR A 731 -23.15 0.41 -33.21
N LEU A 732 -22.85 1.29 -34.17
CA LEU A 732 -22.38 2.64 -33.85
C LEU A 732 -23.37 3.42 -33.01
N GLU A 733 -24.66 3.32 -33.33
CA GLU A 733 -25.68 4.06 -32.58
C GLU A 733 -25.75 3.59 -31.13
N VAL A 734 -25.72 2.28 -30.91
CA VAL A 734 -25.82 1.75 -29.54
C VAL A 734 -24.55 2.08 -28.75
N VAL A 735 -23.39 2.00 -29.40
CA VAL A 735 -22.13 2.34 -28.74
C VAL A 735 -22.10 3.82 -28.37
N LEU A 736 -22.57 4.68 -29.27
CA LEU A 736 -22.64 6.11 -28.99
C LEU A 736 -23.61 6.41 -27.86
N ASN A 737 -24.76 5.72 -27.84
CA ASN A 737 -25.73 5.93 -26.76
C ASN A 737 -25.17 5.51 -25.41
N THR A 738 -24.53 4.35 -25.34
CA THR A 738 -23.99 3.89 -24.07
C THR A 738 -22.80 4.75 -23.62
N LEU A 739 -21.99 5.22 -24.57
CA LEU A 739 -20.90 6.12 -24.23
C LEU A 739 -21.41 7.48 -23.76
N GLN A 740 -22.51 7.96 -24.36
CA GLN A 740 -23.15 9.18 -23.87
C GLN A 740 -23.68 9.00 -22.46
N GLN A 741 -24.30 7.85 -22.17
CA GLN A 741 -24.80 7.57 -20.83
C GLN A 741 -23.65 7.48 -19.82
N ALA A 742 -22.53 6.87 -20.22
CA ALA A 742 -21.38 6.77 -19.32
C ALA A 742 -20.74 8.13 -19.09
N SER A 743 -20.65 8.96 -20.13
CA SER A 743 -20.01 10.26 -19.99
C SER A 743 -20.89 11.25 -19.24
N GLN A 744 -22.21 11.07 -19.27
CA GLN A 744 -23.09 11.93 -18.50
C GLN A 744 -22.95 11.70 -17.00
N ALA A 745 -22.51 10.51 -16.60
CA ALA A 745 -22.31 10.22 -15.19
C ALA A 745 -21.06 10.93 -14.67
N GLN A 746 -21.12 11.33 -13.40
CA GLN A 746 -20.01 12.00 -12.74
C GLN A 746 -20.00 11.59 -11.28
N VAL A 747 -18.80 11.46 -10.71
CA VAL A 747 -18.65 11.08 -9.31
C VAL A 747 -18.10 12.26 -8.52
N ASP A 748 -17.97 12.08 -7.21
CA ASP A 748 -17.49 13.16 -6.34
C ASP A 748 -16.02 13.45 -6.59
N LYS A 749 -15.66 14.73 -6.49
CA LYS A 749 -14.30 15.19 -6.68
C LYS A 749 -13.58 15.45 -5.38
N SER A 750 -14.18 15.08 -4.24
CA SER A 750 -13.55 15.32 -2.94
C SER A 750 -12.50 14.28 -2.63
N ASP A 751 -12.89 13.01 -2.57
CA ASP A 751 -11.96 11.93 -2.29
C ASP A 751 -11.08 11.66 -3.50
N TYR A 752 -9.80 11.42 -3.24
CA TYR A 752 -8.82 11.25 -4.31
C TYR A 752 -8.79 9.83 -4.87
N ASP A 753 -9.54 8.89 -4.29
CA ASP A 753 -9.59 7.54 -4.83
C ASP A 753 -10.27 7.51 -6.19
N MET A 754 -11.37 8.24 -6.34
CA MET A 754 -12.10 8.27 -7.60
C MET A 754 -11.60 9.35 -8.56
N VAL A 755 -10.64 10.18 -8.16
CA VAL A 755 -10.11 11.20 -9.07
C VAL A 755 -9.36 10.55 -10.21
N ASP A 756 -8.47 9.61 -9.90
CA ASP A 756 -7.76 8.88 -10.95
C ASP A 756 -8.71 8.01 -11.77
N TYR A 757 -9.74 7.47 -11.12
CA TYR A 757 -10.74 6.68 -11.85
C TYR A 757 -11.50 7.53 -12.87
N LEU A 758 -11.93 8.73 -12.47
CA LEU A 758 -12.64 9.59 -13.41
C LEU A 758 -11.72 10.12 -14.48
N ASN A 759 -10.46 10.39 -14.15
CA ASN A 759 -9.49 10.79 -15.18
C ASN A 759 -9.29 9.69 -16.21
N GLU A 760 -9.13 8.45 -15.75
CA GLU A 760 -8.97 7.32 -16.67
C GLU A 760 -10.23 7.09 -17.48
N LEU A 761 -11.40 7.23 -16.87
CA LEU A 761 -12.66 7.05 -17.58
C LEU A 761 -12.85 8.10 -18.67
N ARG A 762 -12.55 9.36 -18.35
CA ARG A 762 -12.67 10.42 -19.34
C ARG A 762 -11.65 10.27 -20.46
N GLU A 763 -10.42 9.85 -20.11
CA GLU A 763 -9.41 9.60 -21.12
C GLU A 763 -9.83 8.47 -22.05
N SER A 764 -10.45 7.42 -21.49
CA SER A 764 -10.94 6.32 -22.31
C SER A 764 -12.11 6.74 -23.18
N CYS A 765 -12.98 7.62 -22.67
CA CYS A 765 -14.08 8.14 -23.48
C CYS A 765 -13.57 8.93 -24.67
N LEU A 766 -12.57 9.80 -24.43
CA LEU A 766 -11.98 10.56 -25.53
C LEU A 766 -11.24 9.63 -26.50
N GLU A 767 -10.59 8.59 -25.99
CA GLU A 767 -9.92 7.62 -26.85
C GLU A 767 -10.92 6.85 -27.71
N ALA A 768 -12.07 6.49 -27.12
CA ALA A 768 -13.12 5.78 -27.87
C ALA A 768 -13.69 6.65 -28.98
N TYR A 769 -13.96 7.92 -28.66
CA TYR A 769 -14.46 8.84 -29.69
C TYR A 769 -13.41 9.08 -30.78
N THR A 770 -12.13 9.18 -30.39
CA THR A 770 -11.04 9.34 -31.34
C THR A 770 -10.96 8.13 -32.28
N GLY A 771 -11.06 6.92 -31.72
CA GLY A 771 -11.02 5.73 -32.54
C GLY A 771 -12.21 5.61 -33.46
N ILE A 772 -13.40 5.99 -32.98
CA ILE A 772 -14.60 5.94 -33.81
C ILE A 772 -14.48 6.91 -34.99
N VAL A 773 -14.04 8.14 -34.71
CA VAL A 773 -13.91 9.14 -35.77
C VAL A 773 -12.83 8.73 -36.76
N GLN A 774 -11.70 8.23 -36.27
CA GLN A 774 -10.62 7.81 -37.16
C GLN A 774 -11.02 6.62 -38.02
N GLY A 775 -11.77 5.67 -37.45
CA GLY A 775 -12.26 4.55 -38.25
C GLY A 775 -13.26 4.98 -39.30
N LEU A 776 -14.20 5.84 -38.94
CA LEU A 776 -15.23 6.23 -39.89
C LEU A 776 -14.76 7.25 -40.92
N LYS A 777 -13.59 7.86 -40.72
CA LYS A 777 -13.06 8.84 -41.66
C LYS A 777 -12.19 8.20 -42.75
N GLY A 778 -12.00 6.89 -42.70
CA GLY A 778 -11.07 6.25 -43.62
C GLY A 778 -9.63 6.42 -43.17
N ASP A 779 -8.73 6.34 -44.14
CA ASP A 779 -7.31 6.40 -43.82
C ASP A 779 -6.56 7.49 -44.58
N GLN A 780 -6.89 7.71 -45.86
CA GLN A 780 -6.12 8.62 -46.69
C GLN A 780 -6.95 9.60 -47.51
N GLU A 781 -8.26 9.37 -47.67
CA GLU A 781 -9.08 10.19 -48.55
C GLU A 781 -9.64 11.38 -47.76
N ASN A 782 -10.63 12.07 -48.36
CA ASN A 782 -11.31 13.19 -47.74
C ASN A 782 -12.36 12.71 -46.75
N VAL A 783 -13.25 13.62 -46.32
CA VAL A 783 -14.29 13.25 -45.37
C VAL A 783 -15.23 12.21 -45.97
N HIS A 784 -15.79 11.36 -45.10
CA HIS A 784 -16.57 10.20 -45.50
C HIS A 784 -18.03 10.35 -45.09
N PRO A 785 -18.95 9.67 -45.77
CA PRO A 785 -20.35 9.67 -45.31
C PRO A 785 -20.57 8.92 -44.00
N ASP A 786 -19.60 8.11 -43.57
CA ASP A 786 -19.74 7.37 -42.31
C ASP A 786 -19.74 8.29 -41.11
N VAL A 787 -18.96 9.39 -41.16
CA VAL A 787 -18.88 10.30 -40.03
C VAL A 787 -20.11 11.19 -39.90
N MET A 788 -20.98 11.21 -40.91
CA MET A 788 -22.18 12.04 -40.84
C MET A 788 -23.20 11.50 -39.84
N LEU A 789 -23.07 10.23 -39.45
CA LEU A 789 -23.96 9.68 -38.42
C LEU A 789 -23.59 10.23 -37.05
N VAL A 790 -22.32 10.59 -36.84
CA VAL A 790 -21.85 11.08 -35.55
C VAL A 790 -21.85 12.59 -35.56
N GLN A 791 -22.37 13.19 -36.65
CA GLN A 791 -22.43 14.64 -36.75
C GLN A 791 -23.28 15.31 -35.67
N PRO A 792 -24.50 14.83 -35.32
CA PRO A 792 -25.18 15.44 -34.16
C PRO A 792 -24.49 15.16 -32.84
N ARG A 793 -23.63 14.14 -32.75
CA ARG A 793 -22.94 13.82 -31.51
C ARG A 793 -21.74 14.73 -31.25
N VAL A 794 -21.31 15.54 -32.23
CA VAL A 794 -20.18 16.42 -32.05
C VAL A 794 -20.50 17.48 -30.99
N GLU A 795 -21.74 17.96 -30.97
CA GLU A 795 -22.16 18.93 -29.96
C GLU A 795 -22.05 18.36 -28.56
N PHE A 796 -22.51 17.12 -28.36
CA PHE A 796 -22.41 16.50 -27.04
C PHE A 796 -20.97 16.18 -26.68
N ILE A 797 -20.15 15.80 -27.67
CA ILE A 797 -18.74 15.52 -27.41
C ILE A 797 -18.02 16.77 -26.95
N LEU A 798 -18.27 17.90 -27.63
CA LEU A 798 -17.64 19.14 -27.23
C LEU A 798 -18.21 19.67 -25.91
N SER A 799 -19.49 19.41 -25.64
CA SER A 799 -20.04 19.75 -24.32
C SER A 799 -19.38 18.94 -23.22
N PHE A 800 -19.15 17.65 -23.46
CA PHE A 800 -18.51 16.81 -22.47
C PHE A 800 -17.06 17.23 -22.24
N ILE A 801 -16.34 17.58 -23.31
CA ILE A 801 -14.96 18.02 -23.11
C ILE A 801 -14.92 19.41 -22.47
N ASP A 802 -15.96 20.22 -22.69
CA ASP A 802 -16.07 21.50 -21.97
C ASP A 802 -16.29 21.27 -20.48
N HIS A 803 -17.11 20.26 -20.14
CA HIS A 803 -17.30 19.92 -18.74
C HIS A 803 -16.04 19.36 -18.11
N ILE A 804 -15.26 18.60 -18.90
CA ILE A 804 -13.98 18.08 -18.42
C ILE A 804 -13.00 19.22 -18.16
N ALA A 805 -12.92 20.17 -19.10
CA ALA A 805 -12.05 21.33 -18.94
C ALA A 805 -12.52 22.25 -17.83
N GLY A 806 -13.81 22.20 -17.47
CA GLY A 806 -14.28 22.93 -16.30
C GLY A 806 -13.67 22.39 -15.01
N ASP A 807 -13.53 21.07 -14.93
CA ASP A 807 -12.79 20.47 -13.83
C ASP A 807 -11.31 20.80 -13.96
N GLU A 808 -10.67 21.10 -12.82
CA GLU A 808 -9.31 21.61 -12.82
C GLU A 808 -8.30 20.65 -12.22
N ASP A 809 -8.65 19.36 -12.08
CA ASP A 809 -7.67 18.39 -11.61
C ASP A 809 -6.75 17.95 -12.75
N HIS A 810 -7.33 17.28 -13.75
CA HIS A 810 -6.69 16.96 -15.03
C HIS A 810 -5.47 16.05 -14.95
N THR A 811 -4.99 15.63 -16.12
CA THR A 811 -3.71 14.93 -16.28
C THR A 811 -3.27 15.15 -17.71
N ASP A 812 -2.11 14.58 -18.06
CA ASP A 812 -1.59 14.75 -19.41
C ASP A 812 -2.39 13.93 -20.42
N GLY A 813 -2.84 12.75 -20.02
CA GLY A 813 -3.51 11.86 -20.95
C GLY A 813 -4.85 12.37 -21.44
N VAL A 814 -5.63 12.98 -20.53
CA VAL A 814 -6.94 13.49 -20.92
C VAL A 814 -6.81 14.65 -21.89
N VAL A 815 -5.83 15.52 -21.69
CA VAL A 815 -5.63 16.64 -22.60
C VAL A 815 -5.09 16.16 -23.94
N ALA A 816 -4.20 15.17 -23.92
CA ALA A 816 -3.68 14.62 -25.17
C ALA A 816 -4.79 13.96 -25.99
N CYS A 817 -5.63 13.16 -25.34
CA CYS A 817 -6.74 12.52 -26.05
C CYS A 817 -7.78 13.54 -26.50
N ALA A 818 -8.00 14.60 -25.71
CA ALA A 818 -8.91 15.66 -26.11
C ALA A 818 -8.39 16.38 -27.35
N ALA A 819 -7.09 16.67 -27.40
CA ALA A 819 -6.51 17.33 -28.56
C ALA A 819 -6.58 16.44 -29.79
N GLY A 820 -6.32 15.13 -29.62
CA GLY A 820 -6.47 14.21 -30.74
C GLY A 820 -7.89 14.12 -31.25
N LEU A 821 -8.86 14.10 -30.33
CA LEU A 821 -10.27 14.10 -30.70
C LEU A 821 -10.65 15.38 -31.43
N ILE A 822 -10.15 16.53 -30.95
CA ILE A 822 -10.44 17.80 -31.59
C ILE A 822 -9.89 17.84 -33.00
N GLY A 823 -8.65 17.36 -33.18
CA GLY A 823 -8.07 17.32 -34.52
C GLY A 823 -8.81 16.40 -35.45
N ASP A 824 -9.22 15.23 -34.94
CA ASP A 824 -9.99 14.29 -35.77
C ASP A 824 -11.35 14.85 -36.16
N LEU A 825 -12.04 15.50 -35.22
CA LEU A 825 -13.33 16.12 -35.53
C LEU A 825 -13.17 17.26 -36.52
N CYS A 826 -12.09 18.05 -36.39
CA CYS A 826 -11.81 19.12 -37.34
C CYS A 826 -11.61 18.55 -38.73
N THR A 827 -10.72 17.55 -38.87
CA THR A 827 -10.45 16.94 -40.16
C THR A 827 -11.67 16.20 -40.72
N ALA A 828 -12.62 15.80 -39.86
CA ALA A 828 -13.79 15.08 -40.32
C ALA A 828 -14.96 15.99 -40.68
N PHE A 829 -15.04 17.21 -40.14
CA PHE A 829 -16.23 18.03 -40.36
C PHE A 829 -15.99 19.46 -40.84
N GLY A 830 -14.76 20.00 -40.75
CA GLY A 830 -14.55 21.34 -41.27
C GLY A 830 -14.99 22.42 -40.30
N LYS A 831 -15.66 23.43 -40.86
CA LYS A 831 -15.94 24.68 -40.14
C LYS A 831 -16.91 24.50 -38.98
N ASP A 832 -17.75 23.47 -39.01
CA ASP A 832 -18.74 23.27 -37.94
C ASP A 832 -18.07 22.97 -36.60
N VAL A 833 -17.06 22.11 -36.61
CA VAL A 833 -16.33 21.78 -35.38
C VAL A 833 -15.60 23.01 -34.86
N LEU A 834 -15.02 23.82 -35.76
CA LEU A 834 -14.35 25.04 -35.36
C LEU A 834 -15.33 26.02 -34.71
N LYS A 835 -16.52 26.17 -35.30
CA LYS A 835 -17.52 27.08 -34.74
C LYS A 835 -18.02 26.60 -33.38
N LEU A 836 -18.26 25.30 -33.24
CA LEU A 836 -18.72 24.79 -31.95
C LEU A 836 -17.62 24.82 -30.89
N VAL A 837 -16.35 24.73 -31.31
CA VAL A 837 -15.26 24.89 -30.36
C VAL A 837 -15.15 26.35 -29.93
N GLU A 838 -15.28 27.29 -30.88
CA GLU A 838 -15.27 28.71 -30.56
C GLU A 838 -16.48 29.12 -29.72
N ALA A 839 -17.56 28.35 -29.75
CA ALA A 839 -18.68 28.62 -28.86
C ALA A 839 -18.34 28.34 -27.41
N ARG A 840 -17.34 27.50 -27.15
CA ARG A 840 -16.92 27.17 -25.79
C ARG A 840 -15.52 27.69 -25.53
N PRO A 841 -15.37 28.81 -24.79
CA PRO A 841 -14.02 29.39 -24.61
C PRO A 841 -13.08 28.56 -23.75
N MET A 842 -13.60 27.59 -22.98
CA MET A 842 -12.73 26.78 -22.14
C MET A 842 -11.92 25.77 -22.94
N ILE A 843 -12.33 25.45 -24.16
CA ILE A 843 -11.57 24.54 -25.01
C ILE A 843 -10.22 25.14 -25.37
N HIS A 844 -10.20 26.43 -25.71
CA HIS A 844 -8.94 27.10 -26.02
C HIS A 844 -8.03 27.17 -24.80
N GLU A 845 -8.62 27.37 -23.61
CA GLU A 845 -7.84 27.37 -22.38
C GLU A 845 -7.26 25.99 -22.09
N LEU A 846 -8.04 24.93 -22.36
CA LEU A 846 -7.53 23.57 -22.21
C LEU A 846 -6.40 23.28 -23.19
N LEU A 847 -6.52 23.77 -24.42
CA LEU A 847 -5.44 23.60 -25.39
C LEU A 847 -4.19 24.37 -24.99
N THR A 848 -4.37 25.57 -24.41
CA THR A 848 -3.24 26.33 -23.90
C THR A 848 -2.58 25.61 -22.73
N GLU A 849 -3.39 24.97 -21.87
CA GLU A 849 -2.86 24.16 -20.79
C GLU A 849 -2.06 22.97 -21.31
N GLY A 850 -2.57 22.33 -22.37
CA GLY A 850 -1.85 21.21 -22.96
C GLY A 850 -0.55 21.62 -23.62
N ARG A 851 -0.54 22.78 -24.27
CA ARG A 851 0.71 23.34 -24.79
C ARG A 851 1.66 23.71 -23.65
N ARG A 852 1.11 24.13 -22.52
CA ARG A 852 1.91 24.38 -21.32
C ARG A 852 2.45 23.07 -20.72
N SER A 853 1.70 21.98 -20.88
CA SER A 853 2.05 20.72 -20.23
C SER A 853 3.36 20.15 -20.77
N LYS A 854 4.16 19.59 -19.88
CA LYS A 854 5.52 19.17 -20.20
C LYS A 854 5.58 17.86 -20.98
N THR A 855 4.46 17.14 -21.10
CA THR A 855 4.45 15.90 -21.88
C THR A 855 4.61 16.22 -23.37
N ASN A 856 5.59 15.57 -24.01
CA ASN A 856 5.89 15.85 -25.41
C ASN A 856 4.74 15.43 -26.32
N LYS A 857 4.13 14.27 -26.05
CA LYS A 857 3.01 13.82 -26.86
C LYS A 857 1.79 14.72 -26.69
N ALA A 858 1.49 15.10 -25.45
CA ALA A 858 0.35 15.98 -25.19
C ALA A 858 0.56 17.35 -25.79
N LYS A 859 1.77 17.90 -25.66
CA LYS A 859 2.07 19.20 -26.27
C LYS A 859 2.02 19.14 -27.79
N THR A 860 2.51 18.05 -28.37
CA THR A 860 2.46 17.89 -29.82
C THR A 860 1.03 17.78 -30.32
N LEU A 861 0.19 17.02 -29.61
CA LEU A 861 -1.21 16.89 -30.02
C LEU A 861 -1.96 18.20 -29.84
N ALA A 862 -1.66 18.96 -28.78
CA ALA A 862 -2.28 20.26 -28.58
C ALA A 862 -1.86 21.24 -29.67
N ARG A 863 -0.58 21.22 -30.06
CA ARG A 863 -0.10 22.06 -31.15
C ARG A 863 -0.77 21.68 -32.46
N TRP A 864 -0.94 20.38 -32.71
CA TRP A 864 -1.61 19.92 -33.92
C TRP A 864 -3.08 20.35 -33.94
N ALA A 865 -3.75 20.26 -32.80
CA ALA A 865 -5.15 20.70 -32.71
C ALA A 865 -5.27 22.20 -32.92
N THR A 866 -4.35 22.98 -32.34
CA THR A 866 -4.35 24.42 -32.55
C THR A 866 -4.07 24.78 -34.01
N LYS A 867 -3.17 24.01 -34.65
CA LYS A 867 -2.90 24.21 -36.07
C LYS A 867 -4.12 23.91 -36.92
N GLU A 868 -4.85 22.85 -36.58
CA GLU A 868 -6.09 22.53 -37.31
C GLU A 868 -7.13 23.61 -37.11
N LEU A 869 -7.26 24.14 -35.89
CA LEU A 869 -8.17 25.24 -35.64
C LEU A 869 -7.80 26.48 -36.43
N ARG A 870 -6.50 26.78 -36.49
CA ARG A 870 -6.03 27.95 -37.25
C ARG A 870 -6.28 27.77 -38.74
N LYS A 871 -6.07 26.56 -39.26
CA LYS A 871 -6.34 26.29 -40.67
C LYS A 871 -7.83 26.40 -40.98
N LEU A 872 -8.68 25.97 -40.06
CA LEU A 872 -10.13 26.13 -40.26
C LEU A 872 -10.54 27.59 -40.17
N LYS A 873 -9.88 28.37 -39.30
CA LYS A 873 -10.15 29.80 -39.23
C LYS A 873 -9.74 30.50 -40.53
N ASN A 874 -8.60 30.13 -41.09
CA ASN A 874 -8.13 30.72 -42.34
C ASN A 874 -8.80 30.12 -43.57
N GLN A 875 -9.56 29.04 -43.41
CA GLN A 875 -10.26 28.45 -44.54
C GLN A 875 -11.34 29.38 -45.09
N ALA A 876 -12.09 30.02 -44.19
CA ALA A 876 -13.16 30.93 -44.61
C ALA A 876 -13.33 32.07 -43.61
N VAL B 1 -3.27 -25.43 23.00
CA VAL B 1 -2.80 -24.05 23.06
C VAL B 1 -3.27 -23.29 21.83
N GLN B 2 -4.02 -22.22 22.05
CA GLN B 2 -4.51 -21.40 20.95
C GLN B 2 -4.62 -19.96 21.43
N PHE B 3 -4.65 -19.04 20.47
CA PHE B 3 -4.80 -17.62 20.74
C PHE B 3 -5.98 -17.08 19.95
N LYS B 4 -6.28 -15.80 20.16
CA LYS B 4 -7.35 -15.12 19.46
C LYS B 4 -6.76 -13.98 18.65
N LEU B 5 -7.04 -13.97 17.35
CA LEU B 5 -6.50 -12.99 16.43
C LEU B 5 -7.64 -12.23 15.76
N VAL B 6 -7.39 -10.95 15.51
CA VAL B 6 -8.34 -10.10 14.79
C VAL B 6 -7.63 -9.55 13.56
N LEU B 7 -8.24 -9.73 12.39
CA LEU B 7 -7.69 -9.28 11.12
C LEU B 7 -8.57 -8.14 10.61
N VAL B 8 -8.02 -6.93 10.63
CA VAL B 8 -8.78 -5.72 10.30
C VAL B 8 -8.16 -5.06 9.07
N GLY B 9 -8.94 -4.19 8.46
CA GLY B 9 -8.51 -3.47 7.28
C GLY B 9 -9.71 -2.95 6.52
N ASP B 10 -9.42 -2.30 5.40
CA ASP B 10 -10.48 -1.76 4.57
C ASP B 10 -11.16 -2.88 3.78
N GLY B 11 -12.11 -2.50 2.93
CA GLY B 11 -12.93 -3.48 2.25
C GLY B 11 -12.20 -4.37 1.26
N GLY B 12 -12.00 -5.62 1.67
CA GLY B 12 -11.43 -6.68 0.86
C GLY B 12 -10.06 -6.34 0.30
N THR B 13 -9.18 -5.83 1.17
CA THR B 13 -7.80 -5.55 0.77
C THR B 13 -6.98 -6.82 0.57
N GLY B 14 -7.49 -7.97 0.96
CA GLY B 14 -6.76 -9.21 0.83
C GLY B 14 -6.92 -10.10 2.04
N LYS B 15 -7.71 -9.66 3.02
CA LYS B 15 -7.85 -10.38 4.29
C LYS B 15 -8.47 -11.75 4.09
N THR B 16 -9.63 -11.81 3.42
CA THR B 16 -10.29 -13.08 3.17
C THR B 16 -9.47 -13.95 2.23
N THR B 17 -8.83 -13.33 1.24
CA THR B 17 -7.97 -14.06 0.31
C THR B 17 -6.75 -14.65 1.03
N PHE B 18 -6.12 -13.87 1.91
CA PHE B 18 -4.97 -14.36 2.67
C PHE B 18 -5.37 -15.48 3.61
N VAL B 19 -6.53 -15.35 4.26
CA VAL B 19 -7.01 -16.39 5.16
C VAL B 19 -7.30 -17.68 4.40
N LYS B 20 -7.94 -17.55 3.22
CA LYS B 20 -8.24 -18.73 2.41
C LYS B 20 -6.97 -19.36 1.86
N ARG B 21 -5.98 -18.54 1.49
CA ARG B 21 -4.71 -19.06 1.00
C ARG B 21 -3.96 -19.82 2.09
N HIS B 22 -3.99 -19.31 3.33
CA HIS B 22 -3.33 -20.01 4.41
C HIS B 22 -4.11 -21.21 4.91
N LEU B 23 -5.43 -21.23 4.71
CA LEU B 23 -6.25 -22.29 5.28
C LEU B 23 -6.20 -23.55 4.42
N THR B 24 -6.71 -23.46 3.19
CA THR B 24 -6.69 -24.58 2.25
C THR B 24 -5.47 -24.53 1.33
N GLY B 25 -5.24 -23.39 0.70
CA GLY B 25 -4.11 -23.23 -0.20
C GLY B 25 -4.47 -22.50 -1.47
N GLU B 26 -5.70 -22.70 -1.94
CA GLU B 26 -6.12 -22.14 -3.22
C GLU B 26 -6.26 -20.62 -3.13
N PHE B 27 -5.78 -19.94 -4.18
CA PHE B 27 -5.86 -18.49 -4.27
C PHE B 27 -7.18 -18.13 -4.93
N GLU B 28 -8.14 -17.66 -4.13
CA GLU B 28 -9.42 -17.22 -4.67
C GLU B 28 -9.26 -15.90 -5.40
N LYS B 29 -9.81 -15.81 -6.60
CA LYS B 29 -9.63 -14.65 -7.45
C LYS B 29 -10.83 -13.71 -7.44
N LYS B 30 -12.05 -14.23 -7.31
CA LYS B 30 -13.22 -13.38 -7.29
C LYS B 30 -13.33 -12.62 -5.97
N TYR B 31 -13.79 -11.38 -6.05
CA TYR B 31 -13.97 -10.54 -4.87
C TYR B 31 -15.36 -10.81 -4.29
N VAL B 32 -15.40 -11.57 -3.20
CA VAL B 32 -16.64 -11.85 -2.49
C VAL B 32 -16.61 -11.09 -1.17
N ALA B 33 -17.58 -10.19 -0.98
CA ALA B 33 -17.62 -9.37 0.22
C ALA B 33 -17.95 -10.21 1.45
N THR B 34 -17.23 -9.97 2.53
CA THR B 34 -17.45 -10.71 3.77
C THR B 34 -18.68 -10.14 4.47
N LEU B 35 -19.59 -11.02 4.87
CA LEU B 35 -20.84 -10.61 5.52
C LEU B 35 -20.63 -10.64 7.03
N GLY B 36 -20.22 -9.49 7.57
CA GLY B 36 -20.03 -9.36 9.00
C GLY B 36 -18.70 -9.84 9.52
N VAL B 37 -18.53 -11.16 9.64
CA VAL B 37 -17.31 -11.73 10.20
C VAL B 37 -17.15 -13.15 9.69
N GLU B 38 -15.92 -13.65 9.75
CA GLU B 38 -15.60 -15.04 9.44
C GLU B 38 -14.59 -15.56 10.45
N VAL B 39 -14.87 -16.71 11.03
CA VAL B 39 -13.97 -17.34 12.00
C VAL B 39 -13.34 -18.54 11.31
N HIS B 40 -12.04 -18.49 11.07
CA HIS B 40 -11.30 -19.55 10.40
C HIS B 40 -10.07 -19.88 11.22
N PRO B 41 -9.98 -21.07 11.83
CA PRO B 41 -8.79 -21.43 12.59
C PRO B 41 -7.64 -21.82 11.66
N LEU B 42 -6.44 -21.34 11.97
CA LEU B 42 -5.23 -21.68 11.24
C LEU B 42 -4.29 -22.44 12.16
N VAL B 43 -3.65 -23.48 11.63
CA VAL B 43 -2.81 -24.39 12.40
C VAL B 43 -1.37 -24.24 11.93
N PHE B 44 -0.46 -24.08 12.89
CA PHE B 44 0.97 -24.02 12.61
C PHE B 44 1.70 -24.97 13.54
N HIS B 45 2.80 -25.53 13.04
CA HIS B 45 3.63 -26.44 13.81
C HIS B 45 4.99 -25.79 14.04
N THR B 46 5.39 -25.70 15.30
CA THR B 46 6.67 -25.11 15.69
C THR B 46 7.55 -26.16 16.35
N ASN B 47 8.71 -25.72 16.82
CA ASN B 47 9.62 -26.60 17.54
C ASN B 47 9.24 -26.77 19.01
N ARG B 48 8.22 -26.05 19.49
CA ARG B 48 7.73 -26.16 20.85
C ARG B 48 6.27 -26.57 20.89
N GLY B 49 5.86 -27.40 19.93
CA GLY B 49 4.50 -27.87 19.86
C GLY B 49 3.64 -27.03 18.94
N PRO B 50 2.56 -27.61 18.44
CA PRO B 50 1.68 -26.87 17.53
C PRO B 50 0.87 -25.81 18.26
N ILE B 51 0.47 -24.79 17.51
CA ILE B 51 -0.37 -23.70 18.00
C ILE B 51 -1.58 -23.57 17.08
N LYS B 52 -2.44 -22.61 17.40
CA LYS B 52 -3.63 -22.36 16.59
C LYS B 52 -4.01 -20.89 16.73
N PHE B 53 -4.31 -20.25 15.59
CA PHE B 53 -4.78 -18.87 15.56
C PHE B 53 -6.22 -18.86 15.10
N ASN B 54 -7.10 -18.27 15.90
CA ASN B 54 -8.50 -18.07 15.52
C ASN B 54 -8.60 -16.71 14.85
N VAL B 55 -8.48 -16.71 13.53
CA VAL B 55 -8.43 -15.47 12.77
C VAL B 55 -9.85 -14.95 12.57
N TRP B 56 -10.21 -13.90 13.32
CA TRP B 56 -11.51 -13.26 13.18
C TRP B 56 -11.45 -12.34 11.96
N ASP B 57 -11.93 -12.83 10.83
CA ASP B 57 -11.90 -12.07 9.58
C ASP B 57 -13.04 -11.05 9.60
N THR B 58 -12.74 -9.85 10.08
CA THR B 58 -13.72 -8.79 10.12
C THR B 58 -13.97 -8.23 8.72
N ALA B 59 -15.07 -7.50 8.59
CA ALA B 59 -15.48 -6.93 7.32
C ALA B 59 -15.03 -5.49 7.22
N GLY B 60 -14.43 -5.13 6.10
CA GLY B 60 -13.90 -3.81 5.86
C GLY B 60 -14.85 -2.82 5.23
N GLN B 61 -16.13 -3.17 5.09
CA GLN B 61 -17.12 -2.29 4.49
C GLN B 61 -18.10 -1.82 5.56
N GLU B 62 -18.47 -0.54 5.49
CA GLU B 62 -19.34 0.05 6.51
C GLU B 62 -20.75 -0.52 6.46
N LYS B 63 -21.23 -0.90 5.27
CA LYS B 63 -22.56 -1.47 5.17
C LYS B 63 -22.64 -2.84 5.83
N PHE B 64 -21.62 -3.68 5.61
CA PHE B 64 -21.58 -5.03 6.15
C PHE B 64 -20.71 -5.13 7.40
N GLY B 65 -20.53 -4.02 8.12
CA GLY B 65 -19.68 -4.03 9.30
C GLY B 65 -20.20 -4.90 10.42
N GLY B 66 -21.51 -4.98 10.58
CA GLY B 66 -22.11 -5.76 11.64
C GLY B 66 -21.83 -5.21 13.02
N LEU B 67 -21.25 -6.02 13.90
CA LEU B 67 -20.92 -5.57 15.24
C LEU B 67 -19.73 -4.63 15.28
N ARG B 68 -18.93 -4.59 14.21
CA ARG B 68 -17.79 -3.68 14.04
C ARG B 68 -16.76 -3.82 15.15
N ASP B 69 -16.72 -2.85 16.07
CA ASP B 69 -15.75 -2.91 17.15
C ASP B 69 -16.07 -3.99 18.18
N GLY B 70 -17.26 -4.59 18.12
CA GLY B 70 -17.63 -5.63 19.07
C GLY B 70 -16.90 -6.93 18.90
N TYR B 71 -16.14 -7.09 17.81
CA TYR B 71 -15.35 -8.29 17.59
C TYR B 71 -13.99 -8.23 18.28
N TYR B 72 -13.64 -7.10 18.89
CA TYR B 72 -12.33 -6.91 19.48
C TYR B 72 -12.29 -7.28 20.95
N ILE B 73 -13.34 -7.91 21.48
CA ILE B 73 -13.38 -8.24 22.89
C ILE B 73 -12.43 -9.39 23.18
N GLN B 74 -11.57 -9.19 24.19
CA GLN B 74 -10.61 -10.21 24.65
C GLN B 74 -9.68 -10.68 23.54
N ALA B 75 -9.28 -9.76 22.67
CA ALA B 75 -8.32 -10.09 21.64
C ALA B 75 -6.92 -10.22 22.23
N GLN B 76 -6.14 -11.14 21.66
CA GLN B 76 -4.79 -11.40 22.13
C GLN B 76 -3.70 -11.00 21.14
N CYS B 77 -4.00 -11.01 19.85
CA CYS B 77 -3.08 -10.53 18.84
C CYS B 77 -3.89 -9.90 17.71
N ALA B 78 -3.26 -8.99 16.98
CA ALA B 78 -3.97 -8.25 15.96
C ALA B 78 -3.08 -8.09 14.73
N ILE B 79 -3.70 -8.19 13.56
CA ILE B 79 -3.03 -8.00 12.28
C ILE B 79 -3.80 -6.94 11.51
N ILE B 80 -3.16 -5.81 11.25
CA ILE B 80 -3.76 -4.75 10.46
C ILE B 80 -3.25 -4.91 9.03
N MET B 81 -4.11 -5.40 8.16
CA MET B 81 -3.75 -5.65 6.77
C MET B 81 -4.35 -4.57 5.88
N PHE B 82 -3.53 -4.07 4.95
CA PHE B 82 -3.99 -3.03 4.04
C PHE B 82 -3.43 -3.32 2.66
N ASP B 83 -4.16 -2.88 1.63
CA ASP B 83 -3.71 -3.06 0.26
C ASP B 83 -2.64 -2.03 -0.06
N VAL B 84 -1.50 -2.50 -0.58
CA VAL B 84 -0.45 -1.59 -1.02
C VAL B 84 -0.90 -0.81 -2.25
N THR B 85 -1.67 -1.45 -3.13
CA THR B 85 -2.08 -0.83 -4.39
C THR B 85 -3.10 0.28 -4.21
N SER B 86 -3.66 0.47 -3.01
CA SER B 86 -4.60 1.55 -2.74
C SER B 86 -4.11 2.33 -1.52
N ARG B 87 -3.99 3.65 -1.68
CA ARG B 87 -3.45 4.48 -0.61
C ARG B 87 -4.45 4.67 0.51
N VAL B 88 -5.75 4.67 0.19
CA VAL B 88 -6.77 4.88 1.22
C VAL B 88 -6.89 3.67 2.15
N THR B 89 -6.38 2.51 1.75
CA THR B 89 -6.31 1.38 2.66
C THR B 89 -5.24 1.59 3.71
N TYR B 90 -4.14 2.25 3.35
CA TYR B 90 -3.13 2.60 4.34
C TYR B 90 -3.54 3.79 5.19
N LYS B 91 -4.30 4.73 4.61
CA LYS B 91 -4.69 5.92 5.36
C LYS B 91 -5.67 5.61 6.49
N ASN B 92 -6.39 4.51 6.42
CA ASN B 92 -7.31 4.11 7.48
C ASN B 92 -6.67 3.22 8.53
N VAL B 93 -5.37 2.91 8.38
CA VAL B 93 -4.67 2.09 9.38
C VAL B 93 -4.66 2.73 10.76
N PRO B 94 -4.39 4.04 10.93
CA PRO B 94 -4.52 4.63 12.29
C PRO B 94 -5.91 4.51 12.89
N ASN B 95 -6.97 4.54 12.08
CA ASN B 95 -8.31 4.36 12.63
C ASN B 95 -8.51 2.95 13.18
N TRP B 96 -8.04 1.94 12.45
CA TRP B 96 -8.15 0.57 12.94
C TRP B 96 -7.28 0.35 14.17
N HIS B 97 -6.09 0.97 14.19
CA HIS B 97 -5.23 0.88 15.38
C HIS B 97 -5.88 1.54 16.58
N ARG B 98 -6.53 2.69 16.37
CA ARG B 98 -7.23 3.38 17.43
C ARG B 98 -8.38 2.55 17.96
N ASP B 99 -9.14 1.91 17.06
CA ASP B 99 -10.21 1.04 17.51
C ASP B 99 -9.69 -0.20 18.22
N LEU B 100 -8.49 -0.65 17.86
CA LEU B 100 -7.90 -1.80 18.55
C LEU B 100 -7.44 -1.43 19.96
N VAL B 101 -6.77 -0.29 20.11
CA VAL B 101 -6.19 0.04 21.41
C VAL B 101 -7.23 0.53 22.41
N ARG B 102 -8.42 0.94 21.95
CA ARG B 102 -9.45 1.34 22.89
C ARG B 102 -10.19 0.17 23.49
N VAL B 103 -10.05 -1.03 22.92
CA VAL B 103 -10.64 -2.22 23.50
C VAL B 103 -9.58 -3.20 24.00
N CYS B 104 -8.36 -3.15 23.48
CA CYS B 104 -7.29 -4.05 23.86
C CYS B 104 -6.21 -3.26 24.56
N GLU B 105 -5.66 -3.81 25.65
CA GLU B 105 -4.77 -3.05 26.52
C GLU B 105 -3.33 -3.04 26.00
N ASN B 106 -2.69 -4.21 25.97
CA ASN B 106 -1.25 -4.32 25.75
C ASN B 106 -0.99 -5.42 24.72
N ILE B 107 -1.74 -5.36 23.62
CA ILE B 107 -1.80 -6.43 22.63
C ILE B 107 -0.85 -6.10 21.49
N PRO B 108 0.10 -6.97 21.16
CA PRO B 108 1.01 -6.71 20.04
C PRO B 108 0.27 -6.74 18.71
N ILE B 109 0.56 -5.75 17.87
CA ILE B 109 -0.12 -5.56 16.60
C ILE B 109 0.92 -5.63 15.49
N VAL B 110 0.62 -6.38 14.43
CA VAL B 110 1.53 -6.56 13.31
C VAL B 110 0.88 -5.97 12.07
N LEU B 111 1.55 -5.01 11.45
CA LEU B 111 1.09 -4.49 10.17
C LEU B 111 1.40 -5.47 9.05
N CYS B 112 0.62 -5.39 7.98
CA CYS B 112 0.82 -6.23 6.80
C CYS B 112 0.43 -5.43 5.57
N GLY B 113 1.41 -5.07 4.75
CA GLY B 113 1.12 -4.45 3.47
C GLY B 113 0.91 -5.50 2.40
N ASN B 114 -0.34 -5.83 2.12
CA ASN B 114 -0.66 -6.97 1.28
C ASN B 114 -0.63 -6.60 -0.20
N LYS B 115 -0.55 -7.63 -1.04
CA LYS B 115 -0.58 -7.54 -2.50
C LYS B 115 0.54 -6.64 -3.02
N VAL B 116 1.77 -7.07 -2.73
CA VAL B 116 2.96 -6.40 -3.27
C VAL B 116 3.45 -7.03 -4.55
N ASP B 117 2.81 -8.11 -5.02
CA ASP B 117 3.19 -8.72 -6.28
C ASP B 117 2.80 -7.87 -7.48
N ILE B 118 1.93 -6.88 -7.29
CA ILE B 118 1.65 -5.91 -8.34
C ILE B 118 2.90 -5.09 -8.59
N LYS B 119 3.23 -4.89 -9.87
CA LYS B 119 4.51 -4.28 -10.24
C LYS B 119 4.58 -2.82 -9.79
N ASP B 120 3.49 -2.08 -9.89
CA ASP B 120 3.43 -0.70 -9.44
C ASP B 120 2.77 -0.64 -8.08
N ARG B 121 3.45 -0.02 -7.12
CA ARG B 121 2.97 0.10 -5.75
C ARG B 121 2.58 1.54 -5.48
N LYS B 122 1.32 1.74 -5.08
CA LYS B 122 0.86 3.07 -4.73
C LYS B 122 1.36 3.52 -3.35
N VAL B 123 1.65 2.57 -2.47
CA VAL B 123 2.20 2.86 -1.15
C VAL B 123 3.60 2.26 -1.11
N LYS B 124 4.61 3.12 -1.22
CA LYS B 124 5.98 2.66 -1.23
C LYS B 124 6.40 2.20 0.17
N ALA B 125 7.43 1.34 0.20
CA ALA B 125 7.93 0.82 1.46
C ALA B 125 8.58 1.89 2.32
N LYS B 126 9.08 2.96 1.72
CA LYS B 126 9.63 4.07 2.49
C LYS B 126 8.53 4.82 3.22
N SER B 127 7.37 4.99 2.59
CA SER B 127 6.29 5.80 3.15
C SER B 127 5.53 5.09 4.27
N ILE B 128 5.73 3.79 4.45
CA ILE B 128 5.04 3.04 5.50
C ILE B 128 5.80 3.31 6.81
N VAL B 129 5.32 4.26 7.60
CA VAL B 129 6.01 4.72 8.80
C VAL B 129 5.17 4.53 10.05
N PHE B 130 4.00 3.92 9.94
CA PHE B 130 3.14 3.80 11.10
C PHE B 130 3.64 2.75 12.09
N HIS B 131 4.30 1.70 11.61
CA HIS B 131 4.83 0.69 12.52
C HIS B 131 5.96 1.25 13.38
N ARG B 132 6.67 2.26 12.88
CA ARG B 132 7.71 2.91 13.66
C ARG B 132 7.12 3.70 14.83
N LYS B 133 5.97 4.34 14.61
CA LYS B 133 5.42 5.26 15.60
C LYS B 133 4.91 4.54 16.84
N LYS B 134 4.25 3.39 16.66
CA LYS B 134 3.61 2.69 17.76
C LYS B 134 4.37 1.42 18.15
N ASN B 135 5.65 1.32 17.77
CA ASN B 135 6.50 0.16 18.07
C ASN B 135 5.90 -1.15 17.57
N LEU B 136 5.31 -1.10 16.38
CA LEU B 136 4.66 -2.25 15.78
C LEU B 136 5.62 -2.99 14.86
N GLN B 137 5.26 -4.23 14.54
CA GLN B 137 6.01 -5.07 13.63
C GLN B 137 5.41 -4.99 12.23
N TYR B 138 6.25 -4.79 11.23
CA TYR B 138 5.79 -4.70 9.85
C TYR B 138 6.42 -5.79 9.00
N TYR B 139 5.61 -6.36 8.11
CA TYR B 139 6.08 -7.30 7.11
C TYR B 139 5.45 -6.96 5.76
N ASP B 140 6.25 -7.04 4.71
CA ASP B 140 5.73 -6.91 3.35
C ASP B 140 5.24 -8.27 2.89
N ILE B 141 3.95 -8.38 2.61
CA ILE B 141 3.31 -9.68 2.39
C ILE B 141 2.53 -9.64 1.08
N SER B 142 2.28 -10.84 0.54
CA SER B 142 1.48 -10.98 -0.66
C SER B 142 0.88 -12.38 -0.66
N ALA B 143 -0.44 -12.47 -0.74
CA ALA B 143 -1.12 -13.75 -0.68
C ALA B 143 -1.05 -14.53 -1.99
N LYS B 144 -0.64 -13.89 -3.09
CA LYS B 144 -0.59 -14.56 -4.38
C LYS B 144 0.76 -15.24 -4.64
N SER B 145 1.85 -14.52 -4.37
CA SER B 145 3.19 -15.01 -4.67
C SER B 145 3.88 -15.65 -3.46
N ASN B 146 3.15 -15.81 -2.35
CA ASN B 146 3.66 -16.40 -1.11
C ASN B 146 4.87 -15.64 -0.57
N TYR B 147 4.86 -14.32 -0.74
CA TYR B 147 5.91 -13.45 -0.21
C TYR B 147 5.64 -13.25 1.27
N ASN B 148 6.50 -13.84 2.12
CA ASN B 148 6.46 -13.68 3.57
C ASN B 148 5.12 -14.10 4.17
N PHE B 149 4.49 -15.13 3.60
CA PHE B 149 3.14 -15.48 4.01
C PHE B 149 3.09 -16.20 5.36
N GLU B 150 4.23 -16.63 5.90
CA GLU B 150 4.27 -17.20 7.24
C GLU B 150 4.99 -16.33 8.25
N LYS B 151 5.59 -15.21 7.81
CA LYS B 151 6.34 -14.37 8.73
C LYS B 151 5.50 -13.70 9.81
N PRO B 152 4.33 -13.08 9.52
CA PRO B 152 3.57 -12.44 10.63
C PRO B 152 3.12 -13.41 11.71
N PHE B 153 2.69 -14.62 11.33
CA PHE B 153 2.31 -15.60 12.34
C PHE B 153 3.53 -16.07 13.13
N LEU B 154 4.68 -16.15 12.48
CA LEU B 154 5.92 -16.49 13.17
C LEU B 154 6.28 -15.44 14.22
N TRP B 155 6.20 -14.15 13.83
CA TRP B 155 6.49 -13.08 14.78
C TRP B 155 5.50 -13.05 15.92
N LEU B 156 4.21 -13.27 15.62
CA LEU B 156 3.20 -13.27 16.67
C LEU B 156 3.39 -14.44 17.62
N ALA B 157 3.77 -15.61 17.11
CA ALA B 157 4.05 -16.75 17.97
C ALA B 157 5.26 -16.49 18.85
N ARG B 158 6.30 -15.89 18.28
CA ARG B 158 7.50 -15.55 19.07
C ARG B 158 7.17 -14.53 20.14
N LYS B 159 6.31 -13.55 19.83
CA LYS B 159 5.99 -12.51 20.80
C LYS B 159 5.08 -13.02 21.90
N LEU B 160 4.08 -13.84 21.55
CA LEU B 160 3.14 -14.32 22.55
C LEU B 160 3.78 -15.39 23.43
N ILE B 161 4.51 -16.33 22.84
CA ILE B 161 5.17 -17.37 23.62
C ILE B 161 6.33 -16.79 24.42
N GLY B 162 7.12 -15.92 23.80
CA GLY B 162 8.29 -15.35 24.44
C GLY B 162 9.60 -16.00 24.04
N ASP B 163 9.59 -16.90 23.07
CA ASP B 163 10.79 -17.57 22.62
C ASP B 163 11.19 -17.05 21.24
N PRO B 164 12.23 -16.22 21.13
CA PRO B 164 12.72 -15.83 19.80
C PRO B 164 13.30 -16.98 19.00
N ASN B 165 13.71 -18.06 19.66
CA ASN B 165 14.24 -19.24 18.97
C ASN B 165 13.13 -20.22 18.61
N LEU B 166 12.10 -19.73 17.93
CA LEU B 166 10.98 -20.54 17.50
C LEU B 166 10.89 -20.51 15.98
N GLU B 167 10.78 -21.69 15.37
CA GLU B 167 10.75 -21.81 13.92
C GLU B 167 9.64 -22.76 13.51
N PHE B 168 9.00 -22.44 12.39
CA PHE B 168 7.92 -23.26 11.83
C PHE B 168 8.51 -24.53 11.24
N ALA B 169 8.51 -25.61 12.03
CA ALA B 169 8.99 -26.91 11.57
C ALA B 169 7.87 -27.63 10.83
N ALA B 170 7.58 -27.14 9.64
CA ALA B 170 6.51 -27.69 8.81
C ALA B 170 6.92 -29.03 8.21
#